data_8Y7G
#
_entry.id   8Y7G
#
_cell.length_a   73.496
_cell.length_b   119.564
_cell.length_c   196.380
_cell.angle_alpha   90.00
_cell.angle_beta   90.00
_cell.angle_gamma   90.00
#
_symmetry.space_group_name_H-M   'P 21 21 2'
#
loop_
_entity.id
_entity.type
_entity.pdbx_description
1 polymer 'CRISPR-associated protein'
2 polymer "RNA (5'-R(P*AP*AP*AP*A)-3')"
3 polymer "RNA (5'-R(P*AP*A)-3')"
4 non-polymer 'ACETATE ION'
#
loop_
_entity_poly.entity_id
_entity_poly.type
_entity_poly.pdbx_seq_one_letter_code
_entity_poly.pdbx_strand_id
1 'polypeptide(L)'
;MKKILIVSFLGKGRYYETFYYSIEHSEKMVKKRLSPLANAILEKENGNDVEIIFFVTNEVKNEFLYDENNEYAKNILNEL
NEIKNYGIKVSYRDIPKGKNYEELEIIMEEIEKLLLDFKGNKVIFDLTHGLRHMAIFTSSTVFYFKNLMEKANKLEMKIV
YGAYEIGEEIEKNLKKVPILDITQTLELSDLTIALEEFERYGITERMIIVLKNIQKIVAKNKLCNLNELKFSSLSRELKL
FEELLKIPSPPEKIANSIYKINDILESSIREFKLCSKNSENLFFIKPIQKFLVDFQKIVLEKLPLDKKINKYSNIATLEK
VEFMKNIIKLLINWKMYSEAVIHLRELLIDIKLIENGKYFYYNNKDFREKYWMYSYNIVDTKDKELPKKIEELLKNVKGW
RNSVAHGGRANTSINQKTLEENLENALSMIDEILLSMKDLKVNSKKIYLLNSTIMPIPKDNQEGKFYILKLTKNEFKVIL
ENAIKDDVLDSAIGAESVIEFIKDKFELTVPLKRKEIYFEKGESALVIKLEKRPEEGKIYTKEEMDFMEENNLIGYYYIY
REG
;
A,B
2 'polyribonucleotide' AAAA C
3 'polyribonucleotide' AA D,E
#
loop_
_chem_comp.id
_chem_comp.type
_chem_comp.name
_chem_comp.formula
A RNA linking ADENOSINE-5'-MONOPHOSPHATE 'C10 H14 N5 O7 P'
ACT non-polymer 'ACETATE ION' 'C2 H3 O2 -1'
#
# COMPACT_ATOMS: atom_id res chain seq x y z
N LYS A 2 9.04 -33.05 61.54
CA LYS A 2 9.10 -34.05 62.60
C LYS A 2 10.53 -34.19 63.15
N LYS A 3 11.47 -33.48 62.53
CA LYS A 3 12.82 -33.34 63.06
C LYS A 3 13.03 -31.87 63.39
N ILE A 4 13.29 -31.57 64.67
CA ILE A 4 13.16 -30.21 65.17
C ILE A 4 14.36 -29.85 66.02
N LEU A 5 14.83 -28.60 65.89
CA LEU A 5 15.92 -28.05 66.68
C LEU A 5 15.45 -26.80 67.41
N ILE A 6 15.66 -26.77 68.73
CA ILE A 6 15.21 -25.69 69.62
C ILE A 6 16.43 -24.90 70.08
N VAL A 7 16.30 -23.57 70.10
CA VAL A 7 17.39 -22.70 70.52
C VAL A 7 16.89 -21.74 71.60
N SER A 8 17.66 -21.60 72.67
CA SER A 8 17.33 -20.69 73.76
C SER A 8 18.61 -20.25 74.47
N PHE A 9 18.57 -19.06 75.05
CA PHE A 9 19.66 -18.56 75.87
C PHE A 9 19.55 -19.15 77.27
N LEU A 10 20.51 -18.83 78.15
CA LEU A 10 20.39 -19.22 79.55
C LEU A 10 20.41 -18.00 80.45
N GLY A 11 19.74 -18.13 81.60
CA GLY A 11 19.56 -17.01 82.49
C GLY A 11 20.14 -17.25 83.87
N LYS A 12 19.84 -16.37 84.81
CA LYS A 12 20.36 -16.52 86.16
C LYS A 12 19.31 -16.20 87.23
N GLY A 13 18.04 -16.07 86.84
CA GLY A 13 16.96 -15.87 87.80
C GLY A 13 16.60 -17.16 88.51
N ARG A 14 15.51 -17.08 89.27
CA ARG A 14 14.96 -18.24 89.98
C ARG A 14 14.08 -19.04 89.04
N TYR A 15 14.62 -20.13 88.50
CA TYR A 15 13.91 -20.93 87.51
C TYR A 15 13.02 -21.93 88.25
N TYR A 16 11.74 -21.58 88.34
CA TYR A 16 10.73 -22.36 89.04
C TYR A 16 10.33 -23.62 88.27
N GLU A 17 9.63 -24.51 88.96
CA GLU A 17 9.05 -25.70 88.35
C GLU A 17 7.60 -25.33 88.06
N THR A 18 7.15 -25.59 86.83
CA THR A 18 5.95 -24.93 86.36
C THR A 18 5.07 -25.86 85.54
N PHE A 19 3.85 -25.37 85.27
CA PHE A 19 2.95 -25.97 84.30
C PHE A 19 3.10 -25.22 82.98
N TYR A 20 3.48 -25.94 81.93
CA TYR A 20 3.67 -25.36 80.61
C TYR A 20 2.77 -26.08 79.62
N TYR A 21 1.96 -25.31 78.89
CA TYR A 21 1.12 -25.87 77.83
C TYR A 21 1.23 -24.98 76.59
N SER A 22 1.42 -25.61 75.43
CA SER A 22 1.36 -24.88 74.17
C SER A 22 -0.08 -24.44 73.89
N ILE A 23 -0.23 -23.19 73.45
CA ILE A 23 -1.56 -22.60 73.33
C ILE A 23 -2.43 -23.37 72.35
N GLU A 24 -1.86 -23.75 71.19
CA GLU A 24 -2.64 -24.39 70.14
C GLU A 24 -3.15 -25.77 70.53
N HIS A 25 -2.63 -26.38 71.62
CA HIS A 25 -3.22 -27.60 72.19
C HIS A 25 -2.98 -27.52 73.71
N SER A 26 -3.97 -27.00 74.43
CA SER A 26 -3.88 -26.71 75.86
C SER A 26 -4.21 -27.90 76.77
N GLU A 27 -4.59 -29.06 76.22
CA GLU A 27 -4.83 -30.23 77.05
C GLU A 27 -3.54 -30.87 77.57
N LYS A 28 -2.40 -30.57 76.97
CA LYS A 28 -1.11 -31.18 77.33
C LYS A 28 -0.23 -30.18 78.08
N MET A 29 0.31 -30.61 79.23
CA MET A 29 1.14 -29.77 80.10
C MET A 29 2.34 -30.56 80.57
N VAL A 30 3.42 -29.83 80.91
CA VAL A 30 4.69 -30.43 81.32
C VAL A 30 5.26 -29.67 82.51
N LYS A 31 5.66 -30.40 83.55
CA LYS A 31 6.28 -29.80 84.74
C LYS A 31 7.78 -29.71 84.52
N LYS A 32 8.25 -28.54 84.08
CA LYS A 32 9.68 -28.30 83.98
C LYS A 32 9.99 -26.87 84.43
N ARG A 33 11.26 -26.64 84.73
CA ARG A 33 11.71 -25.37 85.28
C ARG A 33 12.15 -24.40 84.20
N LEU A 34 11.96 -24.77 82.92
CA LEU A 34 12.43 -23.97 81.79
C LEU A 34 11.46 -24.14 80.62
N SER A 35 11.51 -23.20 79.65
CA SER A 35 10.61 -23.14 78.48
C SER A 35 10.97 -24.17 77.41
N PRO A 36 12.23 -24.23 76.99
CA PRO A 36 12.62 -25.25 76.02
C PRO A 36 12.32 -26.66 76.46
N LEU A 37 12.38 -26.96 77.77
CA LEU A 37 12.17 -28.34 78.24
C LEU A 37 10.71 -28.77 78.13
N ALA A 38 9.78 -27.92 78.57
CA ALA A 38 8.37 -28.20 78.34
C ALA A 38 8.06 -28.24 76.83
N ASN A 39 8.68 -27.34 76.07
CA ASN A 39 8.51 -27.38 74.62
C ASN A 39 8.92 -28.74 74.06
N ALA A 40 10.14 -29.18 74.38
CA ALA A 40 10.67 -30.39 73.79
C ALA A 40 9.86 -31.62 74.20
N ILE A 41 9.40 -31.65 75.45
CA ILE A 41 8.58 -32.79 75.87
C ILE A 41 7.27 -32.80 75.10
N LEU A 42 6.62 -31.63 74.98
CA LEU A 42 5.40 -31.59 74.19
C LEU A 42 5.64 -32.04 72.76
N GLU A 43 6.81 -31.72 72.19
CA GLU A 43 7.07 -32.07 70.79
C GLU A 43 7.34 -33.55 70.62
N LYS A 44 8.17 -34.14 71.47
CA LYS A 44 8.32 -35.59 71.40
C LYS A 44 6.99 -36.27 71.68
N GLU A 45 6.05 -35.56 72.31
CA GLU A 45 4.69 -36.05 72.46
C GLU A 45 3.93 -36.12 71.14
N ASN A 46 4.55 -35.74 70.03
CA ASN A 46 3.92 -35.86 68.71
C ASN A 46 4.75 -36.75 67.80
N GLY A 47 5.49 -37.69 68.40
CA GLY A 47 6.28 -38.61 67.59
C GLY A 47 7.29 -37.89 66.72
N ASN A 48 7.91 -36.84 67.25
CA ASN A 48 8.90 -36.07 66.52
C ASN A 48 10.30 -36.28 67.11
N ASP A 49 11.30 -35.95 66.30
CA ASP A 49 12.69 -35.96 66.74
C ASP A 49 13.03 -34.57 67.23
N VAL A 50 13.39 -34.46 68.51
CA VAL A 50 13.57 -33.17 69.15
C VAL A 50 14.95 -33.12 69.77
N GLU A 51 15.67 -32.04 69.49
CA GLU A 51 17.00 -31.79 70.00
C GLU A 51 17.04 -30.34 70.45
N ILE A 52 17.94 -30.02 71.36
CA ILE A 52 18.00 -28.69 71.94
C ILE A 52 19.43 -28.15 71.92
N ILE A 53 19.54 -26.83 71.95
CA ILE A 53 20.82 -26.15 72.06
C ILE A 53 20.63 -24.86 72.85
N PHE A 54 21.53 -24.61 73.79
CA PHE A 54 21.46 -23.50 74.74
C PHE A 54 22.69 -22.60 74.56
N PHE A 55 22.45 -21.29 74.47
CA PHE A 55 23.53 -20.31 74.36
C PHE A 55 23.81 -19.76 75.74
N VAL A 56 24.95 -20.14 76.31
CA VAL A 56 25.25 -19.90 77.71
C VAL A 56 26.47 -19.00 77.81
N THR A 57 26.26 -17.74 78.17
CA THR A 57 27.40 -16.87 78.44
C THR A 57 28.26 -17.56 79.48
N ASN A 58 29.57 -17.60 79.23
CA ASN A 58 30.43 -18.40 80.11
C ASN A 58 30.27 -17.98 81.56
N GLU A 59 29.93 -16.71 81.77
CA GLU A 59 29.59 -16.20 83.09
C GLU A 59 28.40 -16.96 83.69
N VAL A 60 27.41 -17.31 82.86
CA VAL A 60 26.32 -18.19 83.31
C VAL A 60 26.86 -19.61 83.51
N LYS A 61 27.77 -20.06 82.65
CA LYS A 61 28.32 -21.41 82.77
C LYS A 61 28.89 -21.65 84.15
N ASN A 62 29.66 -20.70 84.66
CA ASN A 62 30.38 -20.91 85.91
C ASN A 62 29.66 -20.34 87.13
N GLU A 63 29.18 -19.10 87.06
CA GLU A 63 28.58 -18.45 88.23
C GLU A 63 27.38 -19.23 88.77
N PHE A 64 26.63 -19.86 87.88
CA PHE A 64 25.32 -20.45 88.17
C PHE A 64 25.38 -21.98 88.25
N LEU A 65 26.03 -22.62 87.29
CA LEU A 65 25.96 -24.05 87.07
C LEU A 65 27.15 -24.80 87.67
N TYR A 66 27.95 -24.13 88.51
CA TYR A 66 28.85 -24.79 89.44
C TYR A 66 28.46 -24.63 90.90
N ASP A 67 27.87 -23.49 91.25
CA ASP A 67 27.50 -23.22 92.62
C ASP A 67 26.37 -24.16 93.03
N GLU A 68 26.73 -25.23 93.73
CA GLU A 68 25.71 -26.03 94.35
C GLU A 68 25.03 -25.28 95.47
N ASN A 69 25.61 -24.15 95.87
CA ASN A 69 24.97 -23.21 96.77
C ASN A 69 24.01 -22.28 96.05
N ASN A 70 23.55 -22.71 94.87
CA ASN A 70 22.49 -22.06 94.11
C ASN A 70 21.34 -23.06 94.04
N GLU A 71 20.44 -22.97 95.04
CA GLU A 71 19.32 -23.88 95.23
C GLU A 71 18.66 -24.22 93.89
N TYR A 72 18.12 -23.18 93.24
CA TYR A 72 17.44 -23.35 91.96
C TYR A 72 18.40 -23.69 90.82
N ALA A 73 19.66 -23.27 90.91
CA ALA A 73 20.61 -23.63 89.85
C ALA A 73 20.84 -25.13 89.83
N LYS A 74 20.99 -25.74 91.00
CA LYS A 74 21.11 -27.18 91.07
C LYS A 74 19.81 -27.86 90.65
N ASN A 75 18.66 -27.32 91.07
CA ASN A 75 17.40 -27.69 90.44
C ASN A 75 17.55 -27.84 88.94
N ILE A 76 17.97 -26.76 88.30
CA ILE A 76 17.91 -26.66 86.85
C ILE A 76 18.87 -27.65 86.21
N LEU A 77 20.08 -27.76 86.76
CA LEU A 77 21.05 -28.70 86.19
C LEU A 77 20.57 -30.14 86.33
N ASN A 78 19.95 -30.47 87.47
CA ASN A 78 19.42 -31.83 87.64
C ASN A 78 18.32 -32.12 86.63
N GLU A 79 17.42 -31.15 86.41
CA GLU A 79 16.37 -31.35 85.41
C GLU A 79 16.97 -31.49 84.01
N LEU A 80 18.03 -30.72 83.73
CA LEU A 80 18.76 -30.89 82.47
C LEU A 80 19.23 -32.33 82.31
N ASN A 81 19.89 -32.87 83.33
CA ASN A 81 20.39 -34.24 83.23
C ASN A 81 19.26 -35.21 82.98
N GLU A 82 18.13 -35.03 83.67
CA GLU A 82 16.99 -35.91 83.44
C GLU A 82 16.41 -35.73 82.05
N ILE A 83 16.62 -34.58 81.42
CA ILE A 83 16.11 -34.33 80.08
C ILE A 83 16.61 -35.37 79.08
N LYS A 84 17.67 -36.12 79.41
CA LYS A 84 18.05 -37.23 78.54
C LYS A 84 16.83 -38.11 78.30
N ASN A 85 16.01 -38.29 79.34
CA ASN A 85 14.64 -38.79 79.27
C ASN A 85 14.38 -39.86 78.22
N TYR A 86 13.29 -39.68 77.46
CA TYR A 86 12.90 -40.51 76.32
C TYR A 86 13.63 -40.13 75.06
N GLY A 87 14.75 -39.42 75.20
CA GLY A 87 15.58 -39.05 74.08
C GLY A 87 15.39 -37.64 73.57
N ILE A 88 16.20 -36.73 74.11
CA ILE A 88 16.27 -35.35 73.65
C ILE A 88 17.69 -34.86 73.83
N LYS A 89 18.35 -34.53 72.71
CA LYS A 89 19.71 -34.02 72.75
C LYS A 89 19.70 -32.54 73.11
N VAL A 90 20.51 -32.16 74.11
CA VAL A 90 20.67 -30.77 74.49
C VAL A 90 22.15 -30.46 74.74
N SER A 91 22.63 -29.35 74.19
CA SER A 91 24.04 -29.00 74.19
C SER A 91 24.15 -27.49 74.03
N TYR A 92 25.33 -26.94 74.37
CA TYR A 92 25.50 -25.50 74.53
C TYR A 92 26.74 -24.98 73.83
N ARG A 93 26.58 -23.81 73.19
CA ARG A 93 27.69 -22.97 72.75
C ARG A 93 27.78 -21.74 73.65
N ASP A 94 28.99 -21.23 73.79
CA ASP A 94 29.26 -20.06 74.62
C ASP A 94 29.11 -18.78 73.82
N ILE A 95 28.59 -17.75 74.48
CA ILE A 95 28.27 -16.47 73.82
C ILE A 95 28.81 -15.32 74.67
N PRO A 96 29.15 -14.18 74.09
CA PRO A 96 29.60 -13.04 74.89
C PRO A 96 28.39 -12.31 75.46
N LYS A 97 28.67 -11.24 76.20
CA LYS A 97 27.60 -10.50 76.85
C LYS A 97 26.75 -9.70 75.87
N GLY A 98 27.14 -9.62 74.60
CA GLY A 98 26.48 -8.67 73.72
C GLY A 98 26.74 -7.25 74.18
N LYS A 99 27.97 -6.99 74.62
CA LYS A 99 28.33 -5.69 75.17
C LYS A 99 28.41 -4.63 74.07
N ASN A 100 28.79 -5.03 72.85
CA ASN A 100 29.14 -4.08 71.82
C ASN A 100 28.92 -4.71 70.44
N TYR A 101 29.34 -3.99 69.41
CA TYR A 101 29.20 -4.45 68.03
C TYR A 101 29.79 -5.84 67.82
N GLU A 102 31.05 -6.03 68.22
CA GLU A 102 31.73 -7.31 67.96
C GLU A 102 30.99 -8.47 68.60
N GLU A 103 30.51 -8.30 69.83
CA GLU A 103 29.85 -9.38 70.55
C GLU A 103 28.52 -9.76 69.91
N LEU A 104 27.68 -8.78 69.61
CA LEU A 104 26.47 -9.13 68.90
C LEU A 104 26.78 -9.88 67.62
N GLU A 105 27.89 -9.54 66.96
CA GLU A 105 28.24 -10.26 65.73
C GLU A 105 28.66 -11.70 66.03
N ILE A 106 29.36 -11.93 67.15
CA ILE A 106 29.67 -13.31 67.53
C ILE A 106 28.39 -14.10 67.79
N ILE A 107 27.41 -13.46 68.41
CA ILE A 107 26.12 -14.12 68.63
C ILE A 107 25.49 -14.50 67.30
N MET A 108 25.52 -13.57 66.34
CA MET A 108 25.00 -13.86 65.02
C MET A 108 25.70 -15.05 64.38
N GLU A 109 27.04 -15.06 64.44
CA GLU A 109 27.78 -16.17 63.83
C GLU A 109 27.37 -17.50 64.47
N GLU A 110 27.09 -17.47 65.77
CA GLU A 110 26.58 -18.69 66.41
C GLU A 110 25.24 -19.10 65.84
N ILE A 111 24.34 -18.14 65.70
CA ILE A 111 23.05 -18.45 65.12
C ILE A 111 23.23 -19.08 63.74
N GLU A 112 24.11 -18.50 62.94
CA GLU A 112 24.42 -19.02 61.61
C GLU A 112 24.93 -20.45 61.68
N LYS A 113 25.93 -20.71 62.55
CA LYS A 113 26.47 -22.06 62.68
C LYS A 113 25.36 -23.05 62.96
N LEU A 114 24.51 -22.72 63.93
CA LEU A 114 23.39 -23.60 64.25
C LEU A 114 22.58 -23.88 63.01
N LEU A 115 22.13 -22.81 62.37
CA LEU A 115 21.19 -22.95 61.27
C LEU A 115 21.74 -23.87 60.21
N LEU A 116 22.98 -23.64 59.80
CA LEU A 116 23.53 -24.44 58.74
C LEU A 116 23.66 -25.89 59.17
N ASP A 117 24.19 -26.12 60.38
CA ASP A 117 24.51 -27.48 60.77
C ASP A 117 23.27 -28.34 61.02
N PHE A 118 22.09 -27.75 61.09
CA PHE A 118 20.88 -28.54 61.34
C PHE A 118 20.49 -29.34 60.09
N LYS A 119 20.16 -30.61 60.32
CA LYS A 119 19.71 -31.53 59.27
C LYS A 119 18.25 -31.94 59.49
N GLY A 120 17.45 -31.07 60.11
CA GLY A 120 16.06 -31.36 60.40
C GLY A 120 15.10 -30.40 59.71
N ASN A 121 13.82 -30.42 60.10
CA ASN A 121 12.77 -29.68 59.41
C ASN A 121 12.50 -28.30 60.00
N LYS A 122 12.22 -28.25 61.30
CA LYS A 122 11.76 -27.03 61.97
C LYS A 122 12.79 -26.58 62.99
N VAL A 123 12.87 -25.27 63.17
CA VAL A 123 13.63 -24.65 64.25
C VAL A 123 12.69 -23.75 65.02
N ILE A 124 12.62 -23.94 66.33
CA ILE A 124 11.78 -23.15 67.22
C ILE A 124 12.70 -22.26 68.03
N PHE A 125 12.46 -20.96 67.97
CA PHE A 125 13.26 -19.98 68.71
C PHE A 125 12.49 -19.66 69.98
N ASP A 126 12.83 -20.36 71.07
CA ASP A 126 12.19 -20.20 72.37
C ASP A 126 12.96 -19.07 73.05
N LEU A 127 12.61 -17.85 72.67
CA LEU A 127 13.29 -16.68 73.21
C LEU A 127 12.94 -16.44 74.68
N THR A 128 12.12 -17.32 75.28
CA THR A 128 11.73 -17.16 76.67
C THR A 128 12.92 -16.92 77.58
N HIS A 129 13.88 -17.82 77.59
CA HIS A 129 14.91 -17.67 78.60
C HIS A 129 16.15 -17.00 78.04
N GLY A 130 16.98 -16.52 78.96
CA GLY A 130 18.16 -15.75 78.63
C GLY A 130 17.93 -14.27 78.85
N LEU A 131 19.03 -13.55 79.02
CA LEU A 131 18.92 -12.10 79.03
C LEU A 131 18.10 -11.69 77.82
N ARG A 132 16.96 -11.04 78.03
CA ARG A 132 16.09 -10.75 76.88
C ARG A 132 16.85 -9.95 75.81
N HIS A 133 17.77 -9.11 76.24
CA HIS A 133 18.60 -8.28 75.38
C HIS A 133 19.12 -9.11 74.20
N MET A 134 19.52 -10.36 74.49
CA MET A 134 19.88 -11.32 73.44
C MET A 134 18.69 -11.62 72.53
N ALA A 135 17.52 -11.86 73.13
CA ALA A 135 16.35 -12.33 72.39
C ALA A 135 15.89 -11.33 71.34
N ILE A 136 15.90 -10.05 71.69
CA ILE A 136 15.45 -9.02 70.76
C ILE A 136 16.29 -9.07 69.48
N PHE A 137 17.60 -9.22 69.61
CA PHE A 137 18.46 -9.30 68.42
C PHE A 137 18.11 -10.52 67.56
N THR A 138 17.94 -11.68 68.19
CA THR A 138 17.74 -12.92 67.44
C THR A 138 16.49 -12.89 66.58
N SER A 139 15.40 -12.32 67.09
CA SER A 139 14.17 -12.28 66.32
C SER A 139 14.43 -11.69 64.93
N SER A 140 15.07 -10.51 64.89
CA SER A 140 15.49 -9.92 63.63
C SER A 140 16.49 -10.81 62.92
N THR A 141 17.44 -11.40 63.66
CA THR A 141 18.40 -12.30 63.05
C THR A 141 17.73 -13.41 62.24
N VAL A 142 16.56 -13.89 62.67
CA VAL A 142 15.86 -14.90 61.88
C VAL A 142 15.45 -14.33 60.52
N PHE A 143 14.73 -13.20 60.53
CA PHE A 143 14.35 -12.49 59.32
C PHE A 143 15.48 -12.49 58.30
N TYR A 144 16.60 -11.91 58.72
CA TYR A 144 17.81 -11.87 57.91
C TYR A 144 18.12 -13.24 57.33
N PHE A 145 18.33 -14.22 58.19
CA PHE A 145 18.70 -15.56 57.74
C PHE A 145 17.56 -16.32 57.07
N LYS A 146 16.30 -15.98 57.36
CA LYS A 146 15.21 -16.62 56.62
C LYS A 146 15.27 -16.27 55.13
N ASN A 147 15.65 -15.03 54.80
CA ASN A 147 15.70 -14.54 53.43
C ASN A 147 17.11 -14.57 52.84
N LEU A 148 18.03 -15.29 53.44
CA LEU A 148 19.42 -15.24 53.00
C LEU A 148 20.20 -16.51 53.35
N ASN A 153 18.62 -20.97 52.34
CA ASN A 153 17.86 -22.05 52.95
C ASN A 153 16.62 -21.64 53.78
N LYS A 154 15.43 -21.78 53.17
CA LYS A 154 14.14 -21.47 53.81
C LYS A 154 13.48 -22.75 54.30
N LEU A 155 13.83 -23.19 55.52
CA LEU A 155 13.21 -24.42 56.04
C LEU A 155 11.87 -24.28 56.76
N GLU A 156 11.89 -23.78 57.99
CA GLU A 156 10.67 -23.53 58.76
C GLU A 156 10.94 -22.84 60.10
N MET A 157 10.15 -21.83 60.42
CA MET A 157 10.28 -21.10 61.67
C MET A 157 9.03 -21.21 62.53
N LYS A 158 9.28 -21.11 63.83
CA LYS A 158 8.27 -20.80 64.84
C LYS A 158 9.06 -20.19 65.98
N ILE A 159 8.59 -19.07 66.51
CA ILE A 159 9.23 -18.39 67.62
C ILE A 159 8.23 -18.32 68.76
N VAL A 160 8.64 -18.76 69.95
CA VAL A 160 7.70 -18.95 71.04
C VAL A 160 8.24 -18.27 72.31
N TYR A 161 7.33 -18.07 73.26
CA TYR A 161 7.55 -17.35 74.50
C TYR A 161 6.70 -18.00 75.57
N GLY A 162 7.37 -18.54 76.59
CA GLY A 162 6.66 -19.08 77.73
C GLY A 162 6.38 -18.01 78.74
N ALA A 163 5.17 -17.46 78.73
CA ALA A 163 4.78 -16.42 79.65
C ALA A 163 4.53 -17.05 81.01
N TYR A 164 5.30 -16.65 82.03
CA TYR A 164 4.98 -17.11 83.37
C TYR A 164 3.60 -16.62 83.82
N GLU A 165 3.41 -15.31 83.87
CA GLU A 165 2.25 -14.82 84.60
C GLU A 165 0.98 -14.81 83.73
N ILE A 166 0.73 -15.91 83.03
CA ILE A 166 -0.62 -16.21 82.56
C ILE A 166 -1.00 -17.65 82.94
N GLY A 167 -0.49 -18.12 84.07
CA GLY A 167 -0.65 -19.52 84.44
C GLY A 167 -1.53 -19.71 85.65
N VAL A 177 1.21 -21.85 82.74
CA VAL A 177 1.79 -20.88 81.81
C VAL A 177 1.85 -21.42 80.39
N PRO A 178 1.18 -20.74 79.46
CA PRO A 178 1.19 -21.18 78.06
C PRO A 178 2.38 -20.64 77.27
N ILE A 179 3.05 -21.48 76.50
CA ILE A 179 4.08 -21.02 75.56
C ILE A 179 3.41 -20.59 74.25
N LEU A 180 3.68 -19.36 73.84
CA LEU A 180 2.86 -18.68 72.85
C LEU A 180 3.63 -18.55 71.54
N ASP A 181 2.99 -18.91 70.44
CA ASP A 181 3.59 -18.57 69.16
C ASP A 181 3.77 -17.07 69.07
N ILE A 182 4.98 -16.65 68.74
CA ILE A 182 5.29 -15.26 68.43
C ILE A 182 5.95 -15.21 67.05
N THR A 183 5.59 -16.16 66.18
CA THR A 183 6.09 -16.12 64.81
C THR A 183 5.69 -14.82 64.13
N GLN A 184 4.61 -14.18 64.61
CA GLN A 184 4.14 -12.95 63.99
C GLN A 184 5.22 -11.86 63.99
N THR A 185 6.12 -11.88 64.96
CA THR A 185 7.13 -10.83 65.02
C THR A 185 7.99 -10.82 63.77
N LEU A 186 8.36 -12.01 63.29
CA LEU A 186 9.06 -12.11 62.02
C LEU A 186 8.12 -12.00 60.82
N GLU A 187 6.84 -12.31 60.99
CA GLU A 187 5.90 -12.09 59.90
C GLU A 187 5.87 -10.64 59.47
N LEU A 188 5.74 -9.71 60.41
CA LEU A 188 5.51 -8.33 60.02
C LEU A 188 6.73 -7.73 59.34
N SER A 189 7.93 -8.20 59.70
CA SER A 189 9.09 -7.74 58.93
C SER A 189 9.15 -8.41 57.56
N ASP A 190 8.67 -9.66 57.45
CA ASP A 190 8.46 -10.28 56.15
C ASP A 190 7.52 -9.46 55.29
N LEU A 191 6.36 -9.12 55.83
CA LEU A 191 5.43 -8.26 55.11
C LEU A 191 5.98 -6.86 54.89
N THR A 192 6.95 -6.41 55.69
CA THR A 192 7.63 -5.15 55.37
C THR A 192 8.44 -5.30 54.09
N ILE A 193 9.17 -6.41 53.93
CA ILE A 193 9.83 -6.61 52.62
C ILE A 193 8.80 -6.65 51.50
N ALA A 194 7.69 -7.38 51.70
CA ALA A 194 6.68 -7.45 50.64
C ALA A 194 6.14 -6.06 50.26
N LEU A 195 5.71 -5.31 51.28
CA LEU A 195 5.14 -3.98 51.06
C LEU A 195 6.13 -3.06 50.38
N GLU A 196 7.37 -3.00 50.88
CA GLU A 196 8.32 -2.11 50.23
C GLU A 196 8.59 -2.54 48.80
N GLU A 197 8.89 -3.83 48.60
CA GLU A 197 9.26 -4.27 47.26
C GLU A 197 8.18 -3.90 46.26
N PHE A 198 6.91 -4.09 46.63
CA PHE A 198 5.83 -3.65 45.74
C PHE A 198 5.76 -2.13 45.65
N GLU A 199 5.78 -1.47 46.79
CA GLU A 199 5.43 -0.05 46.88
C GLU A 199 6.40 0.79 46.08
N ARG A 200 7.67 0.40 46.13
CA ARG A 200 8.72 1.09 45.39
C ARG A 200 8.97 0.47 43.99
N TYR A 201 8.62 -0.80 43.79
CA TYR A 201 9.03 -1.50 42.60
C TYR A 201 7.91 -2.28 41.92
N GLY A 202 6.70 -2.30 42.49
CA GLY A 202 5.62 -3.04 41.88
C GLY A 202 5.82 -4.53 41.82
N ILE A 203 6.71 -5.08 42.64
CA ILE A 203 6.93 -6.52 42.62
C ILE A 203 5.79 -7.21 43.34
N THR A 204 5.21 -8.24 42.71
CA THR A 204 4.06 -8.91 43.31
C THR A 204 4.42 -10.25 43.94
N GLU A 205 5.62 -10.77 43.65
CA GLU A 205 6.06 -12.04 44.20
C GLU A 205 5.72 -12.15 45.67
N ARG A 206 6.28 -11.25 46.48
CA ARG A 206 6.14 -11.34 47.92
C ARG A 206 4.67 -11.36 48.32
N MET A 207 3.92 -10.40 47.79
CA MET A 207 2.53 -10.23 48.20
C MET A 207 1.64 -11.39 47.77
N ILE A 208 1.94 -12.09 46.68
CA ILE A 208 1.08 -13.18 46.26
C ILE A 208 1.08 -14.30 47.30
N ILE A 209 2.20 -14.50 48.01
CA ILE A 209 2.21 -15.47 49.10
C ILE A 209 1.12 -15.15 50.12
N VAL A 210 1.07 -13.90 50.58
CA VAL A 210 0.10 -13.55 51.62
C VAL A 210 -1.33 -13.69 51.09
N LEU A 211 -1.55 -13.27 49.83
CA LEU A 211 -2.91 -13.29 49.27
C LEU A 211 -3.43 -14.71 49.11
N LYS A 212 -2.65 -15.57 48.47
CA LYS A 212 -3.04 -16.98 48.43
C LYS A 212 -3.06 -17.56 49.85
N ASN A 213 -2.10 -17.13 50.68
CA ASN A 213 -2.03 -17.50 52.09
C ASN A 213 -3.33 -17.25 52.83
N ILE A 214 -3.79 -15.99 52.83
CA ILE A 214 -4.99 -15.67 53.59
C ILE A 214 -6.20 -16.39 53.00
N GLN A 215 -6.23 -16.57 51.68
CA GLN A 215 -7.37 -17.23 51.05
C GLN A 215 -7.49 -18.68 51.52
N LYS A 216 -6.38 -19.42 51.55
CA LYS A 216 -6.44 -20.82 51.95
C LYS A 216 -6.92 -20.97 53.38
N ILE A 217 -6.55 -20.04 54.26
CA ILE A 217 -6.97 -20.09 55.66
C ILE A 217 -8.47 -19.86 55.79
N VAL A 218 -8.98 -18.80 55.16
CA VAL A 218 -10.42 -18.52 55.23
C VAL A 218 -11.20 -19.59 54.48
N ALA A 219 -10.61 -20.16 53.42
CA ALA A 219 -11.23 -21.30 52.75
C ALA A 219 -11.26 -22.52 53.68
N LYS A 220 -10.18 -22.72 54.43
CA LYS A 220 -10.10 -23.82 55.38
C LYS A 220 -10.88 -23.57 56.66
N ASN A 221 -11.40 -22.35 56.89
CA ASN A 221 -12.12 -22.08 58.13
C ASN A 221 -13.39 -21.25 57.94
N LYS A 222 -13.81 -20.96 56.72
CA LYS A 222 -15.11 -20.34 56.47
C LYS A 222 -15.31 -19.05 57.27
N LEU A 223 -14.25 -18.26 57.49
CA LEU A 223 -14.42 -16.98 58.17
C LEU A 223 -14.97 -15.92 57.22
N CYS A 224 -14.19 -15.58 56.19
CA CYS A 224 -14.63 -14.72 55.09
C CYS A 224 -15.31 -15.58 54.03
N ASN A 225 -15.91 -14.92 53.06
CA ASN A 225 -16.54 -15.62 51.94
C ASN A 225 -15.68 -15.44 50.69
N LEU A 226 -14.90 -16.46 50.36
CA LEU A 226 -14.26 -16.50 49.05
C LEU A 226 -15.35 -16.39 47.99
N ASN A 227 -14.94 -16.11 46.75
CA ASN A 227 -15.92 -15.84 45.70
C ASN A 227 -16.61 -14.50 45.95
N GLU A 228 -16.33 -13.89 47.11
CA GLU A 228 -16.52 -12.48 47.37
C GLU A 228 -15.20 -11.81 47.76
N LEU A 229 -14.27 -12.58 48.33
CA LEU A 229 -12.87 -12.16 48.40
C LEU A 229 -12.23 -12.24 47.02
N LYS A 230 -12.48 -13.34 46.31
CA LYS A 230 -11.91 -13.57 45.00
C LYS A 230 -10.40 -13.37 45.06
N PHE A 231 -9.81 -13.83 46.18
CA PHE A 231 -8.36 -13.74 46.37
C PHE A 231 -7.61 -14.46 45.26
N SER A 232 -8.18 -15.54 44.75
CA SER A 232 -7.57 -16.24 43.62
C SER A 232 -7.52 -15.33 42.39
N SER A 233 -8.64 -14.68 42.09
CA SER A 233 -8.66 -13.70 41.01
C SER A 233 -7.71 -12.54 41.29
N LEU A 234 -7.73 -12.01 42.52
CA LEU A 234 -6.89 -10.85 42.79
C LEU A 234 -5.42 -11.16 42.58
N SER A 235 -4.96 -12.33 43.04
CA SER A 235 -3.55 -12.64 42.91
C SER A 235 -3.18 -12.93 41.45
N ARG A 236 -4.02 -13.69 40.74
CA ARG A 236 -3.71 -13.97 39.35
C ARG A 236 -3.65 -12.68 38.54
N GLU A 237 -4.59 -11.77 38.79
CA GLU A 237 -4.59 -10.48 38.10
C GLU A 237 -3.40 -9.62 38.52
N LEU A 238 -2.97 -9.70 39.78
CA LEU A 238 -1.79 -8.93 40.16
C LEU A 238 -0.59 -9.39 39.36
N LYS A 239 -0.37 -10.70 39.29
CA LYS A 239 0.76 -11.22 38.51
C LYS A 239 0.68 -10.78 37.05
N LEU A 240 -0.50 -10.93 36.42
CA LEU A 240 -0.55 -10.52 35.02
C LEU A 240 -0.37 -9.01 34.84
N PHE A 241 -0.90 -8.19 35.74
CA PHE A 241 -0.73 -6.75 35.57
C PHE A 241 0.75 -6.39 35.69
N GLU A 242 1.47 -7.01 36.63
CA GLU A 242 2.93 -6.78 36.67
C GLU A 242 3.59 -7.21 35.36
N GLU A 243 3.20 -8.36 34.81
CA GLU A 243 3.81 -8.81 33.56
C GLU A 243 3.51 -7.87 32.39
N LEU A 244 2.33 -7.23 32.39
CA LEU A 244 1.98 -6.26 31.36
C LEU A 244 2.66 -4.92 31.55
N LEU A 245 3.06 -4.60 32.79
CA LEU A 245 3.90 -3.43 33.01
C LEU A 245 5.36 -3.68 32.63
N LYS A 246 5.94 -4.78 33.11
CA LYS A 246 7.37 -5.02 32.82
C LYS A 246 7.61 -5.18 31.32
N ILE A 247 6.71 -5.82 30.62
CA ILE A 247 6.91 -6.17 29.21
C ILE A 247 5.99 -5.25 28.40
N PRO A 248 6.55 -4.33 27.61
CA PRO A 248 5.70 -3.33 26.97
C PRO A 248 4.54 -3.99 26.24
N SER A 249 3.33 -3.61 26.60
CA SER A 249 2.15 -4.36 26.22
C SER A 249 1.08 -3.41 25.71
N PRO A 250 0.15 -3.90 24.88
CA PRO A 250 -0.85 -3.04 24.27
C PRO A 250 -1.63 -2.29 25.33
N PRO A 251 -1.92 -1.01 25.12
CA PRO A 251 -2.69 -0.27 26.13
C PRO A 251 -4.04 -0.90 26.38
N GLU A 252 -4.50 -1.73 25.44
CA GLU A 252 -5.76 -2.44 25.59
C GLU A 252 -5.69 -3.48 26.71
N LYS A 253 -4.59 -4.25 26.77
CA LYS A 253 -4.42 -5.21 27.87
C LYS A 253 -4.25 -4.51 29.20
N ILE A 254 -3.50 -3.39 29.22
CA ILE A 254 -3.31 -2.67 30.48
C ILE A 254 -4.64 -2.16 31.00
N ALA A 255 -5.44 -1.55 30.12
CA ALA A 255 -6.75 -1.09 30.56
C ALA A 255 -7.62 -2.26 31.02
N ASN A 256 -7.58 -3.38 30.28
CA ASN A 256 -8.40 -4.54 30.67
C ASN A 256 -8.09 -4.99 32.08
N SER A 257 -6.80 -5.24 32.37
CA SER A 257 -6.45 -5.69 33.70
C SER A 257 -6.75 -4.63 34.74
N ILE A 258 -6.51 -3.35 34.43
CA ILE A 258 -6.78 -2.36 35.46
C ILE A 258 -8.26 -2.32 35.79
N TYR A 259 -9.12 -2.49 34.79
CA TYR A 259 -10.56 -2.48 35.07
C TYR A 259 -10.99 -3.73 35.83
N LYS A 260 -10.46 -4.91 35.44
CA LYS A 260 -10.73 -6.11 36.21
C LYS A 260 -10.25 -5.95 37.65
N ILE A 261 -9.14 -5.24 37.85
CA ILE A 261 -8.61 -5.15 39.19
C ILE A 261 -9.38 -4.14 40.02
N ASN A 262 -9.89 -3.07 39.42
CA ASN A 262 -10.86 -2.24 40.14
C ASN A 262 -12.03 -3.09 40.64
N ASP A 263 -12.64 -3.87 39.75
CA ASP A 263 -13.84 -4.60 40.17
C ASP A 263 -13.52 -5.66 41.23
N ILE A 264 -12.43 -6.40 41.02
CA ILE A 264 -11.98 -7.39 41.99
C ILE A 264 -11.70 -6.72 43.32
N LEU A 265 -11.02 -5.56 43.28
CA LEU A 265 -10.59 -4.91 44.51
C LEU A 265 -11.78 -4.45 45.33
N GLU A 266 -12.82 -3.92 44.67
CA GLU A 266 -14.02 -3.51 45.41
C GLU A 266 -14.70 -4.69 46.07
N SER A 267 -14.83 -5.82 45.36
CA SER A 267 -15.48 -6.99 45.98
C SER A 267 -14.68 -7.52 47.17
N SER A 268 -13.35 -7.62 47.03
CA SER A 268 -12.55 -8.15 48.15
C SER A 268 -12.52 -7.17 49.32
N ILE A 269 -12.51 -5.87 49.03
CA ILE A 269 -12.59 -4.86 50.08
C ILE A 269 -13.88 -5.03 50.87
N ARG A 270 -15.00 -5.17 50.17
CA ARG A 270 -16.27 -5.44 50.85
C ARG A 270 -16.16 -6.70 51.71
N GLU A 271 -15.56 -7.77 51.17
CA GLU A 271 -15.58 -9.06 51.85
C GLU A 271 -14.72 -9.10 53.11
N PHE A 272 -13.68 -8.28 53.21
CA PHE A 272 -12.81 -8.40 54.38
C PHE A 272 -13.60 -8.39 55.69
N LYS A 273 -14.29 -7.28 55.98
CA LYS A 273 -15.13 -7.20 57.18
C LYS A 273 -14.55 -7.81 58.45
N LEU A 274 -13.42 -7.32 58.98
CA LEU A 274 -12.87 -7.75 60.29
C LEU A 274 -13.10 -9.24 60.54
N CYS A 275 -12.68 -10.10 59.60
CA CYS A 275 -13.11 -11.50 59.67
C CYS A 275 -12.79 -12.11 61.04
N SER A 276 -13.78 -12.83 61.58
CA SER A 276 -13.79 -13.28 62.97
C SER A 276 -12.41 -13.64 63.52
N LEU A 282 -3.15 -15.38 63.21
CA LEU A 282 -4.32 -15.75 62.40
C LEU A 282 -4.82 -14.63 61.48
N PHE A 283 -4.45 -14.68 60.21
CA PHE A 283 -4.92 -13.74 59.19
C PHE A 283 -4.90 -12.30 59.72
N PHE A 284 -3.69 -11.85 60.05
CA PHE A 284 -3.53 -10.47 60.51
C PHE A 284 -4.07 -9.53 59.43
N ILE A 285 -4.88 -8.55 59.84
CA ILE A 285 -5.71 -7.80 58.88
C ILE A 285 -5.09 -6.48 58.46
N LYS A 286 -4.50 -5.74 59.38
CA LYS A 286 -4.03 -4.40 59.03
C LYS A 286 -3.03 -4.33 57.87
N PRO A 287 -2.01 -5.19 57.78
CA PRO A 287 -1.01 -5.05 56.70
C PRO A 287 -1.62 -5.28 55.33
N ILE A 288 -2.38 -6.37 55.24
CA ILE A 288 -3.04 -6.71 53.99
C ILE A 288 -3.94 -5.55 53.55
N GLN A 289 -4.48 -4.78 54.50
CA GLN A 289 -5.20 -3.57 54.11
C GLN A 289 -4.26 -2.44 53.70
N LYS A 290 -3.14 -2.25 54.41
CA LYS A 290 -2.19 -1.21 54.01
C LYS A 290 -1.79 -1.35 52.54
N PHE A 291 -1.57 -2.58 52.08
CA PHE A 291 -1.13 -2.78 50.70
C PHE A 291 -2.25 -2.51 49.69
N LEU A 292 -3.45 -3.00 49.99
CA LEU A 292 -4.57 -2.75 49.08
C LEU A 292 -4.72 -1.27 48.79
N VAL A 293 -4.51 -0.41 49.80
CA VAL A 293 -4.61 1.02 49.57
C VAL A 293 -3.47 1.52 48.70
N ASP A 294 -2.32 0.86 48.73
CA ASP A 294 -1.21 1.31 47.89
C ASP A 294 -1.60 1.28 46.41
N PHE A 295 -2.23 0.19 45.96
CA PHE A 295 -2.79 0.12 44.62
C PHE A 295 -3.84 1.21 44.44
N GLN A 296 -4.77 1.30 45.40
CA GLN A 296 -5.67 2.44 45.50
C GLN A 296 -4.97 3.74 45.16
N LYS A 297 -3.86 4.02 45.83
CA LYS A 297 -3.16 5.29 45.70
C LYS A 297 -2.15 5.29 44.57
N ILE A 298 -1.28 4.26 44.52
CA ILE A 298 -0.22 4.23 43.50
C ILE A 298 -0.79 4.07 42.11
N VAL A 299 -1.71 3.13 41.92
CA VAL A 299 -2.07 2.67 40.58
C VAL A 299 -3.39 3.26 40.07
N LEU A 300 -4.50 2.90 40.72
CA LEU A 300 -5.84 3.15 40.18
C LEU A 300 -6.25 4.60 40.34
N GLU A 301 -5.88 5.23 41.45
CA GLU A 301 -6.36 6.57 41.76
C GLU A 301 -5.79 7.65 40.87
N LYS A 302 -4.76 7.37 40.07
CA LYS A 302 -4.22 8.37 39.15
C LYS A 302 -4.61 8.10 37.69
N LEU A 303 -5.60 7.24 37.46
CA LEU A 303 -6.02 6.71 36.17
C LEU A 303 -7.39 7.21 35.72
N PRO A 304 -7.49 7.69 34.50
CA PRO A 304 -8.79 8.13 33.97
C PRO A 304 -9.76 6.97 33.74
N LEU A 305 -10.40 6.53 34.81
CA LEU A 305 -11.29 5.38 34.73
C LEU A 305 -12.74 5.73 34.38
N ASP A 306 -13.20 6.97 34.61
CA ASP A 306 -14.59 7.30 34.26
C ASP A 306 -14.83 7.17 32.76
N LYS A 307 -13.88 7.57 31.92
CA LYS A 307 -13.98 7.14 30.54
C LYS A 307 -13.82 5.64 30.53
N LYS A 308 -14.57 4.95 29.68
CA LYS A 308 -14.51 3.50 29.68
C LYS A 308 -13.54 3.04 28.58
N ILE A 309 -12.26 3.28 28.85
CA ILE A 309 -11.17 2.90 27.96
C ILE A 309 -11.35 1.48 27.44
N ASN A 310 -11.81 0.56 28.30
CA ASN A 310 -12.03 -0.82 27.85
C ASN A 310 -12.95 -0.85 26.64
N LYS A 311 -13.82 0.13 26.50
CA LYS A 311 -14.83 0.17 25.45
C LYS A 311 -14.36 0.86 24.15
N TYR A 312 -13.13 1.38 24.12
CA TYR A 312 -12.65 2.02 22.91
C TYR A 312 -11.44 1.26 22.41
N SER A 313 -11.54 -0.07 22.36
CA SER A 313 -10.36 -0.89 22.10
C SER A 313 -9.77 -0.69 20.71
N ASN A 314 -10.49 -0.15 19.74
CA ASN A 314 -10.02 -0.24 18.37
C ASN A 314 -9.53 1.06 17.77
N ILE A 315 -9.69 2.20 18.44
CA ILE A 315 -9.32 3.47 17.85
C ILE A 315 -8.48 4.28 18.82
N ALA A 316 -7.79 5.27 18.27
CA ALA A 316 -7.06 6.23 19.09
C ALA A 316 -8.02 7.30 19.55
N THR A 317 -7.94 7.63 20.84
CA THR A 317 -8.81 8.63 21.46
C THR A 317 -7.97 9.46 22.41
N LEU A 318 -8.43 10.67 22.68
CA LEU A 318 -7.69 11.52 23.62
C LEU A 318 -7.73 10.96 25.04
N GLU A 319 -8.85 10.36 25.46
CA GLU A 319 -8.90 9.75 26.78
C GLU A 319 -7.96 8.55 26.87
N LYS A 320 -7.86 7.77 25.80
CA LYS A 320 -6.90 6.66 25.79
C LYS A 320 -5.48 7.19 25.89
N VAL A 321 -5.20 8.32 25.24
CA VAL A 321 -3.90 8.97 25.41
C VAL A 321 -3.70 9.37 26.86
N GLU A 322 -4.77 9.83 27.53
CA GLU A 322 -4.67 10.23 28.93
C GLU A 322 -4.36 9.06 29.86
N PHE A 323 -5.12 7.98 29.69
CA PHE A 323 -4.84 6.74 30.42
C PHE A 323 -3.38 6.32 30.24
N MET A 324 -2.89 6.37 28.99
CA MET A 324 -1.55 5.91 28.70
C MET A 324 -0.48 6.86 29.23
N LYS A 325 -0.78 8.15 29.28
CA LYS A 325 0.13 9.11 29.89
C LYS A 325 0.32 8.80 31.37
N ASN A 326 -0.77 8.50 32.06
CA ASN A 326 -0.56 8.17 33.46
C ASN A 326 0.12 6.83 33.65
N ILE A 327 -0.12 5.87 32.76
CA ILE A 327 0.62 4.63 32.85
C ILE A 327 2.12 4.87 32.64
N ILE A 328 2.47 5.83 31.78
CA ILE A 328 3.87 6.25 31.66
C ILE A 328 4.38 6.79 32.99
N LYS A 329 3.58 7.63 33.66
CA LYS A 329 3.98 8.18 34.97
C LYS A 329 4.23 7.08 35.99
N LEU A 330 3.34 6.08 36.03
CA LEU A 330 3.51 4.98 36.97
C LEU A 330 4.75 4.18 36.64
N LEU A 331 4.99 3.92 35.36
CA LEU A 331 6.18 3.20 34.94
C LEU A 331 7.42 3.89 35.47
N ILE A 332 7.45 5.22 35.39
CA ILE A 332 8.58 5.96 35.95
C ILE A 332 8.64 5.81 37.47
N ASN A 333 7.51 5.85 38.16
CA ASN A 333 7.57 5.69 39.62
C ASN A 333 8.17 4.37 40.04
N TRP A 334 8.18 3.34 39.18
CA TRP A 334 8.67 2.03 39.58
C TRP A 334 10.00 1.67 38.93
N LYS A 335 10.78 2.69 38.57
CA LYS A 335 12.13 2.51 38.05
C LYS A 335 12.13 1.69 36.74
N MET A 336 11.03 1.75 36.00
CA MET A 336 10.85 1.05 34.72
C MET A 336 11.03 1.99 33.53
N TYR A 337 12.09 2.82 33.55
CA TYR A 337 12.21 3.93 32.62
C TYR A 337 12.19 3.49 31.15
N SER A 338 12.72 2.32 30.84
CA SER A 338 12.88 1.97 29.43
C SER A 338 11.53 1.60 28.81
N GLU A 339 10.69 0.91 29.57
CA GLU A 339 9.30 0.72 29.16
C GLU A 339 8.59 2.06 29.03
N ALA A 340 8.91 3.03 29.88
CA ALA A 340 8.34 4.36 29.73
C ALA A 340 8.71 5.01 28.40
N VAL A 341 9.96 4.88 27.97
CA VAL A 341 10.33 5.47 26.67
C VAL A 341 9.58 4.78 25.56
N ILE A 342 9.56 3.44 25.57
CA ILE A 342 8.85 2.73 24.51
C ILE A 342 7.39 3.20 24.43
N HIS A 343 6.71 3.20 25.57
CA HIS A 343 5.31 3.60 25.57
C HIS A 343 5.16 5.06 25.15
N LEU A 344 6.10 5.92 25.55
CA LEU A 344 6.00 7.33 25.15
C LEU A 344 6.02 7.47 23.63
N ARG A 345 6.92 6.77 22.94
CA ARG A 345 6.93 6.90 21.49
C ARG A 345 5.59 6.42 20.89
N GLU A 346 5.12 5.25 21.31
CA GLU A 346 3.88 4.77 20.69
C GLU A 346 2.74 5.74 20.97
N LEU A 347 2.71 6.30 22.18
CA LEU A 347 1.72 7.31 22.52
C LEU A 347 1.80 8.51 21.57
N LEU A 348 3.01 8.96 21.21
CA LEU A 348 3.05 10.10 20.32
C LEU A 348 2.56 9.74 18.91
N ILE A 349 2.76 8.49 18.49
CA ILE A 349 2.14 8.08 17.23
C ILE A 349 0.61 8.11 17.38
N ASP A 350 0.10 7.71 18.54
CA ASP A 350 -1.33 7.84 18.80
C ASP A 350 -1.80 9.28 18.65
N ILE A 351 -1.02 10.22 19.19
CA ILE A 351 -1.41 11.62 19.07
C ILE A 351 -1.36 12.08 17.61
N LYS A 352 -0.29 11.75 16.89
CA LYS A 352 -0.28 12.10 15.46
C LYS A 352 -1.51 11.55 14.77
N LEU A 353 -1.80 10.27 14.98
CA LEU A 353 -3.00 9.67 14.43
C LEU A 353 -4.20 10.57 14.71
N ILE A 354 -4.42 10.90 15.98
CA ILE A 354 -5.64 11.63 16.32
C ILE A 354 -5.65 12.99 15.65
N GLU A 355 -4.52 13.70 15.69
CA GLU A 355 -4.51 15.09 15.30
C GLU A 355 -4.66 15.26 13.79
N ASN A 356 -4.33 14.21 13.03
CA ASN A 356 -4.48 14.17 11.58
C ASN A 356 -5.73 13.43 11.14
N GLY A 357 -6.58 13.08 12.09
CA GLY A 357 -7.79 12.39 11.73
C GLY A 357 -7.58 11.02 11.18
N LYS A 358 -6.52 10.33 11.58
CA LYS A 358 -6.30 8.94 11.22
C LYS A 358 -6.50 7.99 12.40
N TYR A 359 -7.22 8.46 13.44
CA TYR A 359 -7.41 7.69 14.65
C TYR A 359 -7.85 6.24 14.39
N PHE A 360 -8.54 5.98 13.26
CA PHE A 360 -9.09 4.68 12.92
C PHE A 360 -8.02 3.68 12.51
N TYR A 361 -6.81 4.16 12.29
CA TYR A 361 -5.63 3.37 11.93
C TYR A 361 -4.86 2.86 13.15
N TYR A 362 -5.49 2.83 14.31
CA TYR A 362 -4.77 2.70 15.56
C TYR A 362 -3.95 1.43 15.61
N ASN A 363 -4.58 0.31 15.28
CA ASN A 363 -3.94 -0.99 15.43
C ASN A 363 -3.46 -1.53 14.11
N ASN A 364 -3.22 -0.63 13.16
CA ASN A 364 -2.78 -1.00 11.83
C ASN A 364 -1.27 -0.82 11.77
N LYS A 365 -0.54 -1.94 11.67
CA LYS A 365 0.90 -1.86 11.76
C LYS A 365 1.46 -0.95 10.68
N ASP A 366 1.00 -1.14 9.44
CA ASP A 366 1.52 -0.37 8.32
C ASP A 366 1.38 1.11 8.57
N PHE A 367 0.19 1.55 8.96
CA PHE A 367 0.06 2.99 9.10
C PHE A 367 0.96 3.50 10.19
N ARG A 368 1.16 2.69 11.21
CA ARG A 368 1.96 3.12 12.34
C ARG A 368 3.41 3.36 11.93
N GLU A 369 3.97 2.48 11.11
CA GLU A 369 5.32 2.77 10.64
C GLU A 369 5.37 3.86 9.56
N LYS A 370 4.33 3.95 8.73
CA LYS A 370 4.18 5.03 7.75
C LYS A 370 4.12 6.41 8.41
N TYR A 371 3.68 6.47 9.67
CA TYR A 371 3.73 7.70 10.47
C TYR A 371 4.91 7.74 11.43
N TRP A 372 5.60 6.61 11.62
CA TRP A 372 6.93 6.61 12.19
C TRP A 372 7.95 7.21 11.21
N MET A 373 7.58 7.38 9.94
CA MET A 373 8.38 8.18 9.01
C MET A 373 7.65 9.43 8.53
N TYR A 374 6.49 9.28 7.88
CA TYR A 374 5.89 10.35 7.06
C TYR A 374 5.72 11.66 7.83
N GLU A 385 0.79 26.31 14.64
CA GLU A 385 1.85 26.14 15.61
C GLU A 385 1.83 24.77 16.28
N LEU A 386 0.62 24.34 16.57
CA LEU A 386 0.43 23.10 17.33
C LEU A 386 1.00 21.89 16.61
N PRO A 387 0.70 21.65 15.33
CA PRO A 387 1.31 20.49 14.66
C PRO A 387 2.82 20.53 14.68
N LYS A 388 3.42 21.73 14.55
CA LYS A 388 4.88 21.86 14.63
C LYS A 388 5.39 21.40 16.00
N LYS A 389 4.72 21.83 17.06
CA LYS A 389 5.09 21.34 18.39
C LYS A 389 5.02 19.82 18.43
N ILE A 390 3.94 19.25 17.89
CA ILE A 390 3.74 17.80 17.97
C ILE A 390 4.86 17.08 17.25
N GLU A 391 5.23 17.55 16.05
CA GLU A 391 6.25 16.88 15.24
C GLU A 391 7.64 17.01 15.85
N GLU A 392 7.97 18.18 16.41
CA GLU A 392 9.27 18.28 17.08
C GLU A 392 9.34 17.29 18.23
N LEU A 393 8.25 17.19 19.01
CA LEU A 393 8.26 16.25 20.11
C LEU A 393 8.39 14.82 19.61
N LEU A 394 7.74 14.46 18.51
CA LEU A 394 8.01 13.15 17.93
C LEU A 394 9.48 12.98 17.59
N LYS A 395 10.06 13.94 16.89
CA LYS A 395 11.43 13.71 16.47
C LYS A 395 12.26 13.32 17.68
N ASN A 396 12.12 14.10 18.75
CA ASN A 396 13.02 13.93 19.87
C ASN A 396 12.73 12.64 20.65
N VAL A 397 11.45 12.35 20.88
CA VAL A 397 11.07 11.10 21.55
C VAL A 397 11.56 9.90 20.74
N LYS A 398 11.45 9.94 19.40
CA LYS A 398 11.93 8.85 18.56
C LYS A 398 13.41 8.63 18.79
N GLY A 399 14.17 9.72 18.82
CA GLY A 399 15.60 9.58 19.06
C GLY A 399 15.85 8.82 20.34
N TRP A 400 15.18 9.23 21.41
CA TRP A 400 15.52 8.62 22.70
C TRP A 400 15.04 7.18 22.71
N ARG A 401 13.90 6.91 22.08
CA ARG A 401 13.50 5.51 21.98
C ARG A 401 14.57 4.67 21.30
N ASN A 402 15.13 5.14 20.18
CA ASN A 402 16.17 4.34 19.54
C ASN A 402 17.37 4.13 20.44
N SER A 403 17.78 5.17 21.18
CA SER A 403 18.89 4.98 22.11
C SER A 403 18.64 3.77 23.00
N VAL A 404 17.40 3.62 23.46
CA VAL A 404 17.09 2.49 24.33
C VAL A 404 16.95 1.18 23.53
N ALA A 405 16.20 1.21 22.44
CA ALA A 405 15.77 -0.01 21.75
C ALA A 405 16.86 -0.61 20.86
N HIS A 406 17.97 0.08 20.74
CA HIS A 406 19.11 -0.40 19.98
C HIS A 406 20.34 -0.54 20.85
N GLY A 407 20.18 -0.63 22.16
CA GLY A 407 21.34 -0.91 22.97
C GLY A 407 22.36 0.19 22.93
N GLY A 408 21.96 1.39 22.54
CA GLY A 408 22.90 2.47 22.35
C GLY A 408 23.98 2.20 21.32
N ARG A 409 23.79 1.19 20.48
CA ARG A 409 24.82 0.74 19.58
C ARG A 409 25.27 1.87 18.68
N ALA A 410 26.35 1.63 17.96
CA ALA A 410 26.88 2.60 17.02
C ALA A 410 26.91 3.98 17.65
N ASN A 411 27.20 4.03 18.94
CA ASN A 411 27.37 5.28 19.67
C ASN A 411 26.12 6.14 19.54
N THR A 412 25.03 5.59 20.09
CA THR A 412 23.73 6.21 20.22
C THR A 412 23.16 5.96 21.62
N SER A 413 24.05 5.85 22.60
CA SER A 413 23.61 5.50 23.95
C SER A 413 22.90 6.68 24.61
N ILE A 414 22.01 6.37 25.55
CA ILE A 414 21.45 7.41 26.40
C ILE A 414 21.52 6.91 27.84
N ASN A 415 21.90 7.79 28.76
CA ASN A 415 22.03 7.43 30.17
C ASN A 415 20.75 7.76 30.96
N GLN A 416 20.68 7.21 32.17
CA GLN A 416 19.46 7.29 32.97
C GLN A 416 19.08 8.73 33.28
N LYS A 417 20.03 9.55 33.70
CA LYS A 417 19.66 10.88 34.16
C LYS A 417 19.15 11.71 32.99
N THR A 418 19.84 11.65 31.86
CA THR A 418 19.33 12.32 30.66
C THR A 418 17.98 11.76 30.26
N LEU A 419 17.80 10.45 30.36
CA LEU A 419 16.52 9.86 29.95
C LEU A 419 15.37 10.35 30.82
N GLU A 420 15.56 10.41 32.15
CA GLU A 420 14.47 10.84 33.02
C GLU A 420 14.18 12.32 32.84
N GLU A 421 15.23 13.12 32.68
CA GLU A 421 15.08 14.53 32.35
C GLU A 421 14.21 14.68 31.11
N ASN A 422 14.57 13.96 30.03
CA ASN A 422 13.80 14.02 28.79
C ASN A 422 12.37 13.50 28.98
N LEU A 423 12.21 12.44 29.77
CA LEU A 423 10.87 11.91 30.02
C LEU A 423 9.97 12.96 30.65
N GLU A 424 10.48 13.68 31.65
CA GLU A 424 9.64 14.68 32.31
C GLU A 424 9.31 15.83 31.37
N ASN A 425 10.31 16.33 30.62
CA ASN A 425 9.99 17.38 29.65
C ASN A 425 8.92 16.93 28.66
N ALA A 426 9.03 15.70 28.16
CA ALA A 426 8.06 15.21 27.19
C ALA A 426 6.68 15.10 27.81
N LEU A 427 6.58 14.66 29.07
CA LEU A 427 5.27 14.56 29.69
C LEU A 427 4.65 15.94 29.90
N SER A 428 5.47 16.91 30.30
CA SER A 428 4.96 18.28 30.43
C SER A 428 4.40 18.77 29.09
N MET A 429 5.12 18.49 28.01
CA MET A 429 4.63 18.94 26.70
C MET A 429 3.47 18.12 26.19
N ILE A 430 3.35 16.86 26.60
CA ILE A 430 2.12 16.14 26.30
C ILE A 430 0.93 16.81 26.95
N ASP A 431 1.10 17.30 28.18
CA ASP A 431 0.00 18.04 28.80
C ASP A 431 -0.32 19.31 28.03
N GLU A 432 0.72 20.09 27.68
CA GLU A 432 0.49 21.30 26.91
C GLU A 432 -0.33 20.99 25.66
N ILE A 433 0.11 19.98 24.91
CA ILE A 433 -0.54 19.58 23.66
C ILE A 433 -1.95 19.07 23.93
N LEU A 434 -2.14 18.30 24.99
CA LEU A 434 -3.42 17.67 25.23
C LEU A 434 -4.48 18.69 25.60
N LEU A 435 -4.09 19.75 26.32
CA LEU A 435 -4.98 20.90 26.45
C LEU A 435 -5.23 21.55 25.10
N SER A 436 -4.18 22.07 24.46
CA SER A 436 -4.38 22.80 23.22
C SER A 436 -5.10 21.96 22.17
N MET A 437 -5.18 20.65 22.36
CA MET A 437 -5.81 19.73 21.43
C MET A 437 -7.25 19.45 21.75
N LYS A 438 -7.65 19.49 23.03
CA LYS A 438 -9.05 19.32 23.36
C LYS A 438 -9.87 20.48 22.82
N ASP A 439 -9.18 21.58 22.47
CA ASP A 439 -9.78 22.70 21.78
C ASP A 439 -9.84 22.45 20.26
N LEU A 440 -8.73 21.99 19.67
CA LEU A 440 -8.69 21.80 18.22
C LEU A 440 -9.72 20.75 17.81
N LYS A 441 -10.81 21.17 17.17
CA LYS A 441 -11.81 20.28 16.58
C LYS A 441 -11.24 19.72 15.29
N VAL A 442 -10.69 18.50 15.32
CA VAL A 442 -10.08 17.99 14.10
C VAL A 442 -11.26 17.86 13.15
N ASN A 443 -11.36 18.84 12.24
CA ASN A 443 -12.61 19.15 11.53
C ASN A 443 -12.85 18.07 10.49
N SER A 444 -13.33 16.94 10.99
CA SER A 444 -13.70 15.82 10.14
C SER A 444 -14.44 16.33 8.90
N LYS A 445 -13.95 15.95 7.73
CA LYS A 445 -14.64 16.30 6.50
C LYS A 445 -15.84 15.38 6.40
N LYS A 446 -16.40 15.23 5.21
CA LYS A 446 -17.50 14.31 5.01
C LYS A 446 -17.22 12.95 5.66
N ILE A 447 -18.11 12.53 6.56
CA ILE A 447 -18.20 11.13 6.97
C ILE A 447 -19.56 10.65 6.51
N TYR A 448 -19.60 9.77 5.51
CA TYR A 448 -20.85 9.14 5.16
C TYR A 448 -21.29 8.24 6.31
N LEU A 449 -22.59 8.13 6.48
CA LEU A 449 -23.17 7.08 7.29
C LEU A 449 -23.90 6.16 6.32
N LEU A 450 -23.49 4.91 6.24
CA LEU A 450 -24.04 3.94 5.31
C LEU A 450 -24.68 2.78 6.07
N ASN A 451 -25.63 2.12 5.42
CA ASN A 451 -26.15 0.88 5.97
C ASN A 451 -25.76 -0.34 5.14
N SER A 452 -24.58 -0.34 4.52
CA SER A 452 -23.94 -1.62 4.17
C SER A 452 -22.46 -1.38 3.87
N THR A 453 -21.65 -2.42 4.05
CA THR A 453 -20.19 -2.29 3.94
C THR A 453 -19.77 -2.41 2.47
N ILE A 454 -20.26 -1.48 1.65
CA ILE A 454 -20.00 -1.44 0.21
C ILE A 454 -18.85 -0.51 -0.08
N MET A 455 -18.25 -0.67 -1.26
CA MET A 455 -17.17 0.20 -1.71
C MET A 455 -17.57 0.81 -3.05
N PRO A 456 -18.49 1.77 -3.04
CA PRO A 456 -18.82 2.51 -4.25
C PRO A 456 -17.80 3.60 -4.54
N ILE A 457 -17.38 3.69 -5.80
CA ILE A 457 -16.48 4.74 -6.24
C ILE A 457 -17.15 5.56 -7.33
N PRO A 458 -16.62 6.76 -7.60
CA PRO A 458 -17.16 7.60 -8.69
C PRO A 458 -17.13 6.92 -10.05
N LYS A 459 -18.14 7.19 -10.87
CA LYS A 459 -18.11 6.73 -12.26
C LYS A 459 -16.89 7.27 -13.02
N ASP A 460 -16.41 8.43 -12.61
CA ASP A 460 -15.11 8.93 -13.01
C ASP A 460 -14.01 7.89 -12.82
N ASN A 461 -14.07 7.14 -11.74
CA ASN A 461 -12.97 6.29 -11.29
C ASN A 461 -13.12 4.87 -11.82
N GLN A 462 -11.97 4.19 -11.94
CA GLN A 462 -11.96 2.83 -12.44
C GLN A 462 -11.43 1.82 -11.46
N GLU A 463 -10.76 2.25 -10.38
CA GLU A 463 -10.20 1.40 -9.34
C GLU A 463 -10.23 2.19 -8.05
N GLY A 464 -10.06 1.48 -6.94
CA GLY A 464 -10.01 2.15 -5.65
C GLY A 464 -9.47 1.21 -4.60
N LYS A 465 -8.85 1.74 -3.55
CA LYS A 465 -8.31 0.94 -2.47
C LYS A 465 -8.99 1.34 -1.16
N PHE A 466 -9.56 0.36 -0.46
CA PHE A 466 -10.37 0.62 0.72
C PHE A 466 -9.85 -0.10 1.96
N TYR A 467 -10.12 0.51 3.10
CA TYR A 467 -9.77 0.03 4.41
C TYR A 467 -11.04 -0.05 5.24
N ILE A 468 -11.31 -1.23 5.80
CA ILE A 468 -12.50 -1.47 6.61
C ILE A 468 -12.06 -1.94 7.99
N LEU A 469 -12.66 -1.35 9.02
CA LEU A 469 -12.32 -1.63 10.41
C LEU A 469 -13.57 -1.90 11.24
N LYS A 470 -13.56 -2.99 12.00
CA LYS A 470 -14.67 -3.34 12.88
C LYS A 470 -14.69 -2.39 14.06
N LEU A 471 -15.86 -1.86 14.37
CA LEU A 471 -16.07 -0.88 15.44
C LEU A 471 -16.91 -1.47 16.57
N THR A 472 -16.64 -0.98 17.78
CA THR A 472 -17.45 -1.30 18.97
C THR A 472 -18.67 -0.39 18.98
N LYS A 473 -19.74 -0.82 19.65
CA LYS A 473 -20.93 0.03 19.62
C LYS A 473 -20.56 1.39 20.21
N ASN A 474 -19.65 1.40 21.16
CA ASN A 474 -19.24 2.68 21.73
C ASN A 474 -18.45 3.50 20.74
N GLU A 475 -17.46 2.90 20.07
CA GLU A 475 -16.71 3.63 19.06
C GLU A 475 -17.64 4.20 17.99
N PHE A 476 -18.54 3.36 17.46
CA PHE A 476 -19.48 3.84 16.45
C PHE A 476 -20.23 5.05 16.95
N LYS A 477 -20.77 4.96 18.18
CA LYS A 477 -21.56 6.07 18.69
C LYS A 477 -20.71 7.33 18.85
N VAL A 478 -19.45 7.17 19.23
CA VAL A 478 -18.58 8.34 19.42
C VAL A 478 -18.33 9.02 18.08
N ILE A 479 -17.93 8.23 17.07
CA ILE A 479 -17.68 8.77 15.73
C ILE A 479 -18.92 9.51 15.24
N LEU A 480 -20.09 8.86 15.36
CA LEU A 480 -21.33 9.42 14.86
C LEU A 480 -21.66 10.71 15.59
N GLU A 481 -21.61 10.68 16.92
CA GLU A 481 -21.92 11.85 17.73
C GLU A 481 -21.08 13.04 17.30
N ASN A 482 -19.76 12.82 17.23
CA ASN A 482 -18.85 13.88 16.82
C ASN A 482 -19.13 14.34 15.40
N ALA A 483 -19.47 13.41 14.50
CA ALA A 483 -19.77 13.80 13.13
C ALA A 483 -20.96 14.73 13.09
N ILE A 484 -21.96 14.45 13.91
CA ILE A 484 -23.15 15.29 13.92
C ILE A 484 -22.83 16.65 14.49
N LYS A 485 -22.09 16.70 15.59
CA LYS A 485 -21.83 18.01 16.19
C LYS A 485 -20.86 18.83 15.34
N ASP A 486 -19.84 18.20 14.76
CA ASP A 486 -19.00 18.88 13.79
C ASP A 486 -19.78 19.25 12.52
N ASP A 487 -21.01 18.71 12.39
CA ASP A 487 -21.87 18.96 11.24
C ASP A 487 -21.20 18.52 9.94
N VAL A 488 -20.72 17.28 9.93
CA VAL A 488 -20.00 16.76 8.76
C VAL A 488 -20.51 15.37 8.40
N LEU A 489 -21.67 14.99 8.95
CA LEU A 489 -22.25 13.70 8.63
C LEU A 489 -23.02 13.82 7.32
N ASP A 490 -22.77 12.88 6.42
CA ASP A 490 -23.49 12.77 5.15
C ASP A 490 -24.27 11.46 5.23
N SER A 491 -25.47 11.52 5.79
CA SER A 491 -26.24 10.30 5.91
C SER A 491 -26.73 9.82 4.55
N ALA A 492 -26.48 8.54 4.29
CA ALA A 492 -27.16 7.82 3.22
C ALA A 492 -27.82 6.60 3.81
N ILE A 493 -28.45 6.76 4.95
CA ILE A 493 -29.22 5.68 5.54
C ILE A 493 -30.55 5.54 4.82
N GLY A 494 -30.80 4.36 4.26
CA GLY A 494 -31.94 4.17 3.39
C GLY A 494 -33.10 3.36 3.89
N ALA A 495 -33.14 3.02 5.17
CA ALA A 495 -34.26 2.29 5.73
C ALA A 495 -34.71 3.09 6.91
N GLU A 496 -36.02 3.33 7.00
CA GLU A 496 -36.56 4.09 8.11
C GLU A 496 -36.30 3.39 9.44
N SER A 497 -36.37 2.05 9.46
CA SER A 497 -36.11 1.38 10.72
C SER A 497 -34.69 1.54 11.18
N VAL A 498 -33.72 1.70 10.27
CA VAL A 498 -32.38 1.97 10.76
C VAL A 498 -32.31 3.35 11.39
N ILE A 499 -33.01 4.34 10.83
CA ILE A 499 -33.11 5.64 11.49
C ILE A 499 -33.69 5.46 12.89
N GLU A 500 -34.79 4.71 12.97
CA GLU A 500 -35.47 4.31 14.20
C GLU A 500 -34.46 3.81 15.24
N PHE A 501 -33.71 2.78 14.85
CA PHE A 501 -32.79 2.07 15.73
C PHE A 501 -31.66 2.97 16.17
N ILE A 502 -31.05 3.71 15.25
CA ILE A 502 -29.97 4.59 15.66
C ILE A 502 -30.48 5.60 16.67
N LYS A 503 -31.63 6.22 16.38
CA LYS A 503 -32.12 7.25 17.28
C LYS A 503 -32.37 6.70 18.68
N ASP A 504 -32.96 5.50 18.77
CA ASP A 504 -33.23 4.94 20.08
C ASP A 504 -31.95 4.45 20.75
N LYS A 505 -31.27 3.48 20.14
CA LYS A 505 -30.11 2.85 20.75
C LYS A 505 -29.02 3.86 21.06
N PHE A 506 -28.94 4.96 20.32
CA PHE A 506 -27.87 5.92 20.56
C PHE A 506 -28.37 7.32 20.86
N GLU A 507 -29.68 7.56 20.85
CA GLU A 507 -30.23 8.88 21.16
C GLU A 507 -29.61 9.97 20.28
N LEU A 508 -29.52 9.68 18.97
CA LEU A 508 -28.98 10.60 17.98
C LEU A 508 -29.89 10.62 16.76
N THR A 509 -30.11 11.79 16.16
CA THR A 509 -31.02 11.92 15.03
C THR A 509 -30.29 12.04 13.71
N VAL A 510 -30.63 11.14 12.78
CA VAL A 510 -29.91 10.95 11.52
C VAL A 510 -30.82 10.93 10.30
N PRO A 511 -30.56 11.75 9.28
CA PRO A 511 -31.48 11.86 8.15
C PRO A 511 -31.66 10.56 7.42
N LEU A 512 -32.87 10.37 6.93
CA LEU A 512 -33.18 9.29 6.03
C LEU A 512 -32.93 9.80 4.62
N LYS A 513 -31.91 9.26 3.95
CA LYS A 513 -31.60 9.72 2.60
C LYS A 513 -31.08 8.49 1.87
N ARG A 514 -31.98 7.76 1.26
CA ARG A 514 -31.63 6.55 0.52
C ARG A 514 -31.16 6.91 -0.88
N LYS A 515 -29.92 7.38 -0.95
CA LYS A 515 -29.24 7.84 -2.16
C LYS A 515 -27.96 7.05 -2.40
N GLU A 516 -27.47 7.09 -3.65
CA GLU A 516 -26.07 6.74 -3.90
C GLU A 516 -25.11 7.72 -3.24
N ILE A 517 -24.03 7.20 -2.67
CA ILE A 517 -22.82 8.00 -2.46
C ILE A 517 -21.64 7.32 -3.16
N TYR A 518 -20.55 8.10 -3.33
CA TYR A 518 -19.29 7.64 -3.91
C TYR A 518 -18.10 8.11 -3.07
N PHE A 519 -17.20 7.19 -2.74
CA PHE A 519 -16.01 7.54 -1.96
C PHE A 519 -15.00 8.20 -2.89
N GLU A 520 -14.70 9.47 -2.63
CA GLU A 520 -13.47 10.05 -3.13
C GLU A 520 -12.29 9.51 -2.31
N LYS A 521 -11.07 9.60 -2.87
CA LYS A 521 -9.89 9.29 -2.07
C LYS A 521 -10.00 10.07 -0.77
N GLY A 522 -9.79 9.40 0.37
CA GLY A 522 -9.74 10.10 1.62
C GLY A 522 -11.05 10.34 2.32
N GLU A 523 -12.16 9.90 1.74
CA GLU A 523 -13.46 9.98 2.38
C GLU A 523 -13.68 8.76 3.28
N SER A 524 -14.54 8.94 4.27
CA SER A 524 -14.75 7.91 5.28
C SER A 524 -16.23 7.69 5.49
N ALA A 525 -16.58 6.52 5.94
CA ALA A 525 -17.96 6.22 6.22
C ALA A 525 -18.03 5.47 7.54
N LEU A 526 -19.01 5.83 8.36
CA LEU A 526 -19.51 4.93 9.38
C LEU A 526 -20.50 3.97 8.76
N VAL A 527 -20.55 2.74 9.25
CA VAL A 527 -21.46 1.77 8.66
C VAL A 527 -22.16 1.00 9.76
N ILE A 528 -23.44 0.75 9.56
CA ILE A 528 -24.26 -0.01 10.49
C ILE A 528 -24.98 -1.08 9.68
N LYS A 529 -24.77 -2.34 10.04
CA LYS A 529 -25.03 -3.42 9.11
C LYS A 529 -25.62 -4.61 9.84
N LEU A 530 -26.33 -5.44 9.09
CA LEU A 530 -26.76 -6.73 9.62
C LEU A 530 -25.66 -7.77 9.44
N GLU A 531 -25.30 -8.46 10.51
CA GLU A 531 -24.34 -9.55 10.32
C GLU A 531 -25.06 -10.85 10.02
N LYS A 532 -25.98 -10.82 9.06
CA LYS A 532 -26.70 -12.01 8.66
C LYS A 532 -27.34 -11.70 7.32
N ARG A 533 -27.55 -12.72 6.52
CA ARG A 533 -28.13 -12.52 5.19
C ARG A 533 -29.58 -12.97 5.18
N PRO A 534 -30.55 -12.08 5.35
CA PRO A 534 -31.94 -12.52 5.33
C PRO A 534 -32.40 -12.88 3.94
N GLU A 535 -33.63 -13.33 3.84
CA GLU A 535 -34.22 -13.53 2.53
C GLU A 535 -34.17 -12.22 1.76
N GLU A 536 -34.43 -12.30 0.48
CA GLU A 536 -34.35 -11.10 -0.31
C GLU A 536 -35.45 -10.15 0.09
N GLY A 537 -35.17 -8.86 -0.07
CA GLY A 537 -36.16 -7.82 0.11
C GLY A 537 -36.60 -7.52 1.53
N LYS A 538 -36.34 -8.45 2.46
CA LYS A 538 -36.79 -8.29 3.85
C LYS A 538 -36.16 -7.06 4.49
N ILE A 539 -36.98 -6.24 5.13
CA ILE A 539 -36.47 -5.15 5.95
C ILE A 539 -36.89 -5.47 7.38
N TYR A 540 -35.92 -5.48 8.30
CA TYR A 540 -36.28 -5.77 9.69
C TYR A 540 -36.79 -4.51 10.36
N THR A 541 -37.85 -4.66 11.15
CA THR A 541 -38.36 -3.58 11.97
C THR A 541 -37.43 -3.29 13.15
N LYS A 542 -37.48 -2.05 13.63
CA LYS A 542 -36.58 -1.63 14.71
C LYS A 542 -36.67 -2.54 15.93
N GLU A 543 -37.83 -3.11 16.21
CA GLU A 543 -37.91 -4.09 17.27
C GLU A 543 -37.00 -5.27 16.94
N GLU A 544 -37.05 -5.74 15.69
CA GLU A 544 -36.22 -6.85 15.29
C GLU A 544 -34.73 -6.49 15.32
N MET A 545 -34.41 -5.26 14.95
CA MET A 545 -33.01 -4.84 15.00
C MET A 545 -32.52 -4.85 16.43
N ASP A 546 -33.38 -4.44 17.35
CA ASP A 546 -33.06 -4.55 18.78
C ASP A 546 -32.80 -6.00 19.16
N PHE A 547 -33.64 -6.91 18.65
CA PHE A 547 -33.48 -8.32 18.98
C PHE A 547 -32.18 -8.89 18.44
N MET A 548 -31.84 -8.55 17.21
CA MET A 548 -30.57 -8.96 16.65
C MET A 548 -29.42 -8.43 17.49
N GLU A 549 -29.50 -7.15 17.83
CA GLU A 549 -28.43 -6.51 18.57
C GLU A 549 -28.23 -7.20 19.91
N GLU A 550 -29.29 -7.77 20.46
CA GLU A 550 -29.12 -8.52 21.70
C GLU A 550 -28.13 -9.67 21.52
N ASN A 551 -28.34 -10.52 20.53
CA ASN A 551 -27.41 -11.61 20.29
C ASN A 551 -26.45 -11.31 19.12
N ASN A 552 -26.02 -10.05 19.08
CA ASN A 552 -24.83 -9.61 18.34
C ASN A 552 -24.90 -9.94 16.86
N LEU A 553 -26.02 -9.64 16.26
CA LEU A 553 -26.12 -9.75 14.82
C LEU A 553 -26.15 -8.38 14.16
N ILE A 554 -25.79 -7.33 14.88
CA ILE A 554 -25.67 -5.99 14.31
C ILE A 554 -24.23 -5.51 14.44
N GLY A 555 -23.64 -5.16 13.31
CA GLY A 555 -22.21 -4.84 13.23
C GLY A 555 -21.96 -3.41 12.85
N TYR A 556 -20.97 -2.81 13.48
CA TYR A 556 -20.53 -1.45 13.21
C TYR A 556 -19.15 -1.45 12.57
N TYR A 557 -18.94 -0.59 11.58
CA TYR A 557 -17.67 -0.53 10.88
C TYR A 557 -17.29 0.91 10.56
N TYR A 558 -16.00 1.12 10.30
CA TYR A 558 -15.47 2.33 9.70
C TYR A 558 -14.81 1.97 8.36
N ILE A 559 -15.12 2.70 7.30
CA ILE A 559 -14.59 2.42 5.97
C ILE A 559 -13.89 3.67 5.46
N TYR A 560 -12.68 3.51 4.98
CA TYR A 560 -11.90 4.62 4.48
C TYR A 560 -11.35 4.31 3.09
N ARG A 561 -11.41 5.26 2.19
CA ARG A 561 -10.80 5.05 0.88
C ARG A 561 -9.41 5.66 0.94
N GLU A 562 -8.38 4.83 0.84
CA GLU A 562 -7.05 5.39 0.77
C GLU A 562 -6.62 5.71 -0.66
N GLY A 563 -7.34 5.23 -1.68
CA GLY A 563 -6.92 5.50 -3.05
C GLY A 563 -7.91 5.27 -4.18
N LYS B 2 0.98 34.12 -59.40
CA LYS B 2 0.45 34.98 -60.45
C LYS B 2 1.64 35.62 -61.15
N LYS B 3 2.84 35.37 -60.62
CA LYS B 3 4.10 35.78 -61.22
C LYS B 3 4.86 34.54 -61.66
N ILE B 4 5.25 34.49 -62.93
CA ILE B 4 5.62 33.24 -63.57
C ILE B 4 6.97 33.38 -64.25
N LEU B 5 7.78 32.32 -64.14
CA LEU B 5 9.05 32.20 -64.85
C LEU B 5 9.08 30.90 -65.65
N ILE B 6 9.38 31.00 -66.94
CA ILE B 6 9.37 29.86 -67.86
C ILE B 6 10.80 29.56 -68.29
N VAL B 7 11.14 28.27 -68.33
CA VAL B 7 12.50 27.80 -68.64
C VAL B 7 12.42 26.72 -69.70
N SER B 8 13.27 26.83 -70.73
CA SER B 8 13.30 25.87 -71.82
C SER B 8 14.70 25.81 -72.41
N PHE B 9 15.03 24.66 -73.01
CA PHE B 9 16.25 24.53 -73.78
C PHE B 9 16.02 24.99 -75.24
N LEU B 10 17.10 24.97 -76.03
CA LEU B 10 17.09 25.38 -77.43
C LEU B 10 17.50 24.25 -78.37
N GLY B 11 16.97 24.30 -79.59
CA GLY B 11 17.26 23.28 -80.58
C GLY B 11 17.81 23.83 -81.89
N LYS B 12 17.95 22.96 -82.88
CA LYS B 12 18.40 23.38 -84.20
C LYS B 12 17.67 22.66 -85.34
N GLY B 13 16.57 21.97 -85.07
CA GLY B 13 15.84 21.31 -86.13
C GLY B 13 15.05 22.28 -87.00
N ARG B 14 14.21 21.70 -87.85
CA ARG B 14 13.25 22.51 -88.58
C ARG B 14 12.05 22.72 -87.67
N TYR B 15 12.02 23.85 -86.97
CA TYR B 15 10.97 24.14 -86.00
C TYR B 15 9.85 24.88 -86.72
N TYR B 16 8.84 24.16 -87.16
CA TYR B 16 7.72 24.77 -87.88
C TYR B 16 6.82 25.50 -86.88
N GLU B 17 5.94 26.34 -87.40
CA GLU B 17 5.01 27.06 -86.54
C GLU B 17 3.60 26.47 -86.58
N THR B 18 2.99 26.38 -85.39
CA THR B 18 1.78 25.62 -85.11
C THR B 18 0.89 26.44 -84.21
N PHE B 19 -0.33 25.95 -83.99
CA PHE B 19 -1.21 26.47 -82.95
C PHE B 19 -1.09 25.59 -81.71
N TYR B 20 -0.78 26.20 -80.56
CA TYR B 20 -0.59 25.52 -79.29
C TYR B 20 -1.65 25.93 -78.29
N TYR B 21 -2.31 24.96 -77.68
CA TYR B 21 -3.33 25.23 -76.68
C TYR B 21 -3.01 24.42 -75.44
N SER B 22 -3.06 25.08 -74.29
CA SER B 22 -2.96 24.35 -73.03
C SER B 22 -4.19 23.48 -72.87
N ILE B 23 -3.98 22.23 -72.46
CA ILE B 23 -5.05 21.25 -72.47
C ILE B 23 -6.23 21.74 -71.63
N GLU B 24 -5.92 22.33 -70.47
CA GLU B 24 -6.95 22.78 -69.54
C GLU B 24 -7.83 23.89 -70.10
N HIS B 25 -7.42 24.55 -71.19
CA HIS B 25 -8.29 25.52 -71.86
C HIS B 25 -8.00 25.45 -73.36
N SER B 26 -8.80 24.65 -74.05
CA SER B 26 -8.64 24.41 -75.48
C SER B 26 -9.30 25.48 -76.32
N GLU B 27 -10.05 26.40 -75.70
CA GLU B 27 -10.64 27.49 -76.46
C GLU B 27 -9.61 28.55 -76.85
N LYS B 28 -8.49 28.61 -76.15
CA LYS B 28 -7.45 29.61 -76.43
C LYS B 28 -6.28 28.94 -77.11
N MET B 29 -5.85 29.51 -78.23
CA MET B 29 -4.79 28.93 -79.04
C MET B 29 -3.89 30.05 -79.53
N VAL B 30 -2.62 29.71 -79.81
CA VAL B 30 -1.62 30.69 -80.23
C VAL B 30 -0.83 30.15 -81.41
N LYS B 31 -0.70 30.95 -82.47
CA LYS B 31 0.08 30.56 -83.65
C LYS B 31 1.51 31.02 -83.44
N LYS B 32 2.35 30.10 -82.96
CA LYS B 32 3.78 30.32 -82.82
C LYS B 32 4.51 29.05 -83.23
N ARG B 33 5.81 29.19 -83.50
CA ARG B 33 6.63 28.10 -84.01
C ARG B 33 7.31 27.28 -82.91
N LEU B 34 7.01 27.57 -81.64
CA LEU B 34 7.62 26.84 -80.51
C LEU B 34 6.62 26.76 -79.37
N SER B 35 6.86 25.80 -78.48
CA SER B 35 5.94 25.49 -77.39
C SER B 35 6.04 26.52 -76.27
N PRO B 36 7.24 26.85 -75.81
CA PRO B 36 7.36 27.85 -74.72
C PRO B 36 6.75 29.19 -75.06
N LEU B 37 6.82 29.61 -76.33
CA LEU B 37 6.29 30.93 -76.68
C LEU B 37 4.77 30.95 -76.63
N ALA B 38 4.14 29.91 -77.16
CA ALA B 38 2.69 29.81 -77.04
C ALA B 38 2.27 29.73 -75.59
N ASN B 39 3.02 28.98 -74.77
CA ASN B 39 2.73 28.94 -73.34
C ASN B 39 2.79 30.33 -72.73
N ALA B 40 3.90 31.04 -72.94
CA ALA B 40 4.07 32.34 -72.29
C ALA B 40 3.01 33.32 -72.74
N ILE B 41 2.62 33.25 -74.02
CA ILE B 41 1.56 34.12 -74.50
C ILE B 41 0.24 33.78 -73.84
N LEU B 42 -0.12 32.50 -73.79
CA LEU B 42 -1.34 32.12 -73.08
C LEU B 42 -1.29 32.56 -71.62
N GLU B 43 -0.10 32.54 -71.02
CA GLU B 43 0.02 32.87 -69.60
C GLU B 43 -0.14 34.37 -69.36
N LYS B 44 0.55 35.20 -70.15
CA LYS B 44 0.34 36.64 -70.03
C LYS B 44 -1.09 37.03 -70.39
N GLU B 45 -1.78 36.18 -71.15
CA GLU B 45 -3.21 36.38 -71.40
C GLU B 45 -4.07 36.11 -70.18
N ASN B 46 -3.48 35.72 -69.05
CA ASN B 46 -4.23 35.46 -67.83
C ASN B 46 -3.77 36.32 -66.66
N GLY B 47 -3.31 37.52 -66.94
CA GLY B 47 -2.93 38.44 -65.86
C GLY B 47 -1.81 37.96 -64.98
N ASN B 48 -0.79 37.35 -65.57
CA ASN B 48 0.39 36.95 -64.84
C ASN B 48 1.57 37.78 -65.33
N ASP B 49 2.60 37.83 -64.49
CA ASP B 49 3.88 38.40 -64.89
C ASP B 49 4.74 37.25 -65.42
N VAL B 50 5.13 37.34 -66.68
CA VAL B 50 5.71 36.20 -67.39
C VAL B 50 7.10 36.57 -67.91
N GLU B 51 8.07 35.69 -67.65
CA GLU B 51 9.46 35.88 -68.06
C GLU B 51 10.01 34.59 -68.67
N ILE B 52 11.05 34.75 -69.49
CA ILE B 52 11.65 33.66 -70.24
C ILE B 52 13.15 33.64 -69.96
N ILE B 53 13.72 32.44 -69.93
CA ILE B 53 15.17 32.27 -69.81
C ILE B 53 15.58 31.01 -70.56
N PHE B 54 16.55 31.17 -71.46
CA PHE B 54 16.90 30.15 -72.45
C PHE B 54 18.33 29.69 -72.27
N PHE B 55 18.50 28.38 -72.16
CA PHE B 55 19.80 27.75 -71.99
C PHE B 55 20.28 27.26 -73.35
N VAL B 56 21.31 27.91 -73.89
CA VAL B 56 21.68 27.76 -75.29
C VAL B 56 23.09 27.17 -75.38
N THR B 57 23.19 25.92 -75.85
CA THR B 57 24.50 25.37 -76.18
C THR B 57 25.16 26.28 -77.22
N ASN B 58 26.41 26.65 -76.98
CA ASN B 58 27.06 27.62 -77.87
C ASN B 58 27.15 27.11 -79.30
N GLU B 59 27.18 25.79 -79.51
CA GLU B 59 27.03 25.27 -80.86
C GLU B 59 25.71 25.74 -81.48
N VAL B 60 24.64 25.80 -80.68
CA VAL B 60 23.38 26.39 -81.15
C VAL B 60 23.50 27.90 -81.29
N LYS B 61 24.17 28.56 -80.34
CA LYS B 61 24.31 30.01 -80.38
C LYS B 61 24.86 30.47 -81.72
N ASN B 62 25.93 29.82 -82.19
CA ASN B 62 26.53 30.28 -83.43
C ASN B 62 26.02 29.52 -84.65
N GLU B 63 26.01 28.17 -84.60
CA GLU B 63 25.63 27.40 -85.77
C GLU B 63 24.20 27.69 -86.22
N PHE B 64 23.29 27.99 -85.30
CA PHE B 64 21.87 28.10 -85.67
C PHE B 64 21.35 29.53 -85.72
N LEU B 65 21.49 30.30 -84.66
CA LEU B 65 20.74 31.56 -84.57
C LEU B 65 21.56 32.78 -84.97
N TYR B 66 22.77 32.60 -85.47
CA TYR B 66 23.44 33.68 -86.18
C TYR B 66 23.64 33.25 -87.63
N ASP B 67 22.54 33.27 -88.37
CA ASP B 67 22.54 32.97 -89.79
C ASP B 67 21.21 33.51 -90.32
N GLU B 68 21.24 34.71 -90.90
CA GLU B 68 20.01 35.22 -91.48
C GLU B 68 19.62 34.47 -92.73
N ASN B 69 20.57 33.74 -93.33
CA ASN B 69 20.29 32.78 -94.39
C ASN B 69 20.04 31.38 -93.86
N ASN B 70 19.62 31.26 -92.61
CA ASN B 70 19.18 29.99 -92.06
C ASN B 70 17.70 30.21 -91.73
N GLU B 71 16.86 29.92 -92.72
CA GLU B 71 15.43 30.24 -92.69
C GLU B 71 14.82 30.04 -91.31
N TYR B 72 14.94 28.82 -90.79
CA TYR B 72 14.31 28.54 -89.50
C TYR B 72 14.91 29.41 -88.40
N ALA B 73 16.19 29.78 -88.54
CA ALA B 73 16.83 30.65 -87.57
C ALA B 73 16.27 32.08 -87.64
N LYS B 74 16.06 32.62 -88.86
CA LYS B 74 15.52 33.98 -89.00
C LYS B 74 14.07 34.05 -88.52
N ASN B 75 13.27 33.05 -88.87
CA ASN B 75 11.98 32.77 -88.22
C ASN B 75 12.08 32.89 -86.69
N ILE B 76 12.97 32.09 -86.10
CA ILE B 76 13.01 31.94 -84.66
C ILE B 76 13.42 33.25 -84.01
N LEU B 77 14.45 33.91 -84.54
CA LEU B 77 14.92 35.15 -83.93
C LEU B 77 13.85 36.22 -83.99
N ASN B 78 13.12 36.32 -85.11
CA ASN B 78 12.11 37.36 -85.17
C ASN B 78 10.99 37.12 -84.18
N GLU B 79 10.53 35.87 -84.03
CA GLU B 79 9.49 35.63 -83.03
C GLU B 79 10.01 35.93 -81.62
N LEU B 80 11.29 35.59 -81.37
CA LEU B 80 11.91 35.93 -80.10
C LEU B 80 11.78 37.41 -79.80
N ASN B 81 12.21 38.25 -80.74
CA ASN B 81 12.16 39.68 -80.51
C ASN B 81 10.73 40.18 -80.39
N GLU B 82 9.82 39.66 -81.21
CA GLU B 82 8.45 40.16 -81.16
C GLU B 82 7.79 39.90 -79.83
N ILE B 83 8.18 38.84 -79.12
CA ILE B 83 7.55 38.58 -77.83
C ILE B 83 7.78 39.73 -76.84
N LYS B 84 8.84 40.50 -77.02
CA LYS B 84 9.07 41.65 -76.15
C LYS B 84 7.90 42.61 -76.17
N ASN B 85 7.27 42.78 -77.34
CA ASN B 85 6.09 43.65 -77.46
C ASN B 85 4.89 43.18 -76.67
N TYR B 86 4.78 41.89 -76.32
CA TYR B 86 3.76 41.48 -75.37
C TYR B 86 4.21 41.70 -73.93
N GLY B 87 5.29 42.45 -73.74
CA GLY B 87 5.77 42.73 -72.41
C GLY B 87 6.27 41.41 -71.89
N ILE B 88 7.39 40.94 -72.43
CA ILE B 88 7.97 39.68 -71.99
C ILE B 88 9.49 39.74 -72.09
N LYS B 89 10.15 39.54 -70.97
CA LYS B 89 11.61 39.51 -70.94
C LYS B 89 12.10 38.19 -71.50
N VAL B 90 13.14 38.25 -72.32
CA VAL B 90 13.78 37.04 -72.84
C VAL B 90 15.28 37.19 -72.67
N SER B 91 15.92 36.14 -72.16
CA SER B 91 17.32 36.21 -71.80
C SER B 91 17.90 34.81 -71.83
N TYR B 92 19.23 34.73 -71.96
CA TYR B 92 19.85 33.44 -72.17
C TYR B 92 21.11 33.34 -71.33
N ARG B 93 21.25 32.22 -70.64
CA ARG B 93 22.53 31.76 -70.14
C ARG B 93 22.91 30.57 -71.01
N ASP B 94 24.16 30.51 -71.44
CA ASP B 94 24.60 29.44 -72.30
C ASP B 94 25.23 28.32 -71.49
N ILE B 95 25.10 27.11 -71.99
CA ILE B 95 25.43 25.89 -71.25
C ILE B 95 26.34 25.02 -72.10
N PRO B 96 27.04 24.10 -71.48
CA PRO B 96 27.88 23.16 -72.23
C PRO B 96 26.99 22.11 -72.86
N LYS B 97 27.62 21.15 -73.53
CA LYS B 97 26.86 20.12 -74.22
C LYS B 97 26.11 19.22 -73.25
N GLY B 98 26.37 19.34 -71.94
CA GLY B 98 25.89 18.30 -71.06
C GLY B 98 26.64 17.02 -71.35
N LYS B 99 27.96 17.14 -71.51
CA LYS B 99 28.78 16.02 -71.92
C LYS B 99 28.96 14.98 -70.82
N ASN B 100 28.99 15.41 -69.56
CA ASN B 100 29.42 14.52 -68.48
C ASN B 100 28.84 15.02 -67.16
N TYR B 101 29.29 14.39 -66.08
CA TYR B 101 28.93 14.85 -64.74
C TYR B 101 29.22 16.34 -64.62
N GLU B 102 30.41 16.74 -65.04
CA GLU B 102 30.79 18.14 -64.93
C GLU B 102 29.82 19.04 -65.67
N GLU B 103 29.49 18.68 -66.90
CA GLU B 103 28.59 19.52 -67.68
C GLU B 103 27.18 19.47 -67.09
N LEU B 104 26.69 18.27 -66.79
CA LEU B 104 25.38 18.18 -66.17
C LEU B 104 25.34 19.02 -64.90
N GLU B 105 26.45 19.05 -64.15
CA GLU B 105 26.52 19.82 -62.92
C GLU B 105 26.53 21.31 -63.21
N ILE B 106 27.17 21.71 -64.30
CA ILE B 106 27.09 23.11 -64.70
C ILE B 106 25.64 23.47 -64.99
N ILE B 107 24.92 22.56 -65.65
CA ILE B 107 23.50 22.77 -65.95
C ILE B 107 22.69 22.85 -64.66
N MET B 108 22.94 21.92 -63.75
CA MET B 108 22.21 21.93 -62.49
C MET B 108 22.47 23.25 -61.78
N GLU B 109 23.74 23.66 -61.71
CA GLU B 109 24.09 24.92 -61.06
C GLU B 109 23.40 26.10 -61.74
N GLU B 110 23.21 26.01 -63.05
CA GLU B 110 22.47 27.05 -63.75
C GLU B 110 21.03 27.12 -63.24
N ILE B 111 20.38 25.96 -63.14
CA ILE B 111 19.03 25.94 -62.59
C ILE B 111 19.03 26.48 -61.16
N GLU B 112 20.07 26.15 -60.40
CA GLU B 112 20.18 26.70 -59.05
C GLU B 112 20.20 28.23 -59.10
N LYS B 113 21.07 28.79 -59.93
CA LYS B 113 21.14 30.24 -60.07
C LYS B 113 19.77 30.80 -60.42
N LEU B 114 19.12 30.19 -61.42
CA LEU B 114 17.79 30.63 -61.82
C LEU B 114 16.83 30.64 -60.63
N LEU B 115 16.63 29.48 -60.02
CA LEU B 115 15.61 29.38 -58.99
C LEU B 115 15.85 30.35 -57.86
N LEU B 116 17.12 30.51 -57.47
CA LEU B 116 17.38 31.41 -56.35
C LEU B 116 17.12 32.85 -56.73
N ASP B 117 17.62 33.29 -57.89
CA ASP B 117 17.46 34.70 -58.26
C ASP B 117 16.02 35.06 -58.62
N PHE B 118 15.16 34.05 -58.81
CA PHE B 118 13.78 34.31 -59.19
C PHE B 118 12.99 34.88 -58.03
N LYS B 119 12.21 35.91 -58.31
CA LYS B 119 11.39 36.55 -57.30
C LYS B 119 9.90 36.35 -57.55
N GLY B 120 9.53 35.24 -58.20
CA GLY B 120 8.13 35.03 -58.50
C GLY B 120 7.54 33.80 -57.86
N ASN B 121 6.32 33.45 -58.26
CA ASN B 121 5.53 32.40 -57.62
C ASN B 121 5.67 31.05 -58.31
N LYS B 122 5.46 31.00 -59.62
CA LYS B 122 5.35 29.76 -60.36
C LYS B 122 6.52 29.61 -61.32
N VAL B 123 6.96 28.37 -61.53
CA VAL B 123 7.99 28.04 -62.52
C VAL B 123 7.51 26.93 -63.44
N ILE B 124 7.61 27.18 -64.75
CA ILE B 124 7.19 26.25 -65.81
C ILE B 124 8.42 25.75 -66.54
N PHE B 125 8.57 24.42 -66.60
CA PHE B 125 9.70 23.77 -67.29
C PHE B 125 9.20 23.17 -68.61
N ASP B 126 9.46 23.88 -69.71
CA ASP B 126 9.05 23.47 -71.06
C ASP B 126 10.15 22.62 -71.69
N LEU B 127 10.21 21.36 -71.27
CA LEU B 127 11.24 20.45 -71.74
C LEU B 127 11.03 20.01 -73.18
N THR B 128 9.98 20.50 -73.82
CA THR B 128 9.65 20.07 -75.17
C THR B 128 10.89 20.10 -76.07
N HIS B 129 11.51 21.25 -76.20
CA HIS B 129 12.64 21.40 -77.11
C HIS B 129 13.97 21.34 -76.36
N GLY B 130 15.04 21.17 -77.13
CA GLY B 130 16.38 20.98 -76.62
C GLY B 130 16.83 19.53 -76.72
N LEU B 131 18.15 19.36 -76.70
CA LEU B 131 18.72 18.01 -76.61
C LEU B 131 18.01 17.21 -75.53
N ARG B 132 17.48 16.05 -75.90
CA ARG B 132 16.61 15.30 -74.99
C ARG B 132 17.28 14.97 -73.65
N HIS B 133 18.53 14.48 -73.68
CA HIS B 133 19.19 14.09 -72.43
C HIS B 133 19.17 15.24 -71.42
N MET B 134 19.31 16.47 -71.89
CA MET B 134 19.22 17.62 -71.02
C MET B 134 17.88 17.66 -70.28
N ALA B 135 16.78 17.44 -71.00
CA ALA B 135 15.46 17.57 -70.36
C ALA B 135 15.25 16.53 -69.27
N ILE B 136 15.56 15.27 -69.58
CA ILE B 136 15.37 14.20 -68.61
C ILE B 136 16.24 14.43 -67.37
N PHE B 137 17.51 14.78 -67.58
CA PHE B 137 18.35 15.05 -66.41
C PHE B 137 17.78 16.20 -65.60
N THR B 138 17.40 17.28 -66.29
CA THR B 138 16.86 18.44 -65.59
C THR B 138 15.60 18.08 -64.82
N SER B 139 14.80 17.19 -65.36
CA SER B 139 13.60 16.79 -64.66
C SER B 139 13.99 16.55 -63.24
N SER B 140 15.01 15.72 -63.07
CA SER B 140 15.46 15.41 -61.74
C SER B 140 15.79 16.68 -61.03
N THR B 141 16.62 17.51 -61.64
CA THR B 141 17.06 18.74 -61.02
C THR B 141 15.95 19.40 -60.24
N VAL B 142 14.75 19.33 -60.77
CA VAL B 142 13.64 19.91 -60.06
C VAL B 142 13.46 19.20 -58.73
N PHE B 143 13.10 17.93 -58.76
CA PHE B 143 12.87 17.18 -57.53
C PHE B 143 13.82 17.65 -56.47
N TYR B 144 15.09 17.63 -56.77
CA TYR B 144 16.08 18.07 -55.83
C TYR B 144 15.66 19.38 -55.29
N PHE B 145 15.79 20.42 -56.10
CA PHE B 145 15.49 21.75 -55.63
C PHE B 145 14.11 21.85 -54.98
N LYS B 146 13.09 21.41 -55.67
CA LYS B 146 11.76 21.43 -55.11
C LYS B 146 11.78 20.94 -53.70
N ASN B 147 12.44 19.82 -53.46
CA ASN B 147 12.39 19.24 -52.13
C ASN B 147 13.53 19.74 -51.27
N LEU B 148 14.44 20.51 -51.85
CA LEU B 148 15.49 21.10 -51.04
C LEU B 148 15.76 22.53 -51.46
N ALA B 152 14.38 27.11 -48.17
CA ALA B 152 14.43 26.88 -49.60
C ALA B 152 13.17 27.36 -50.25
N ASN B 153 13.32 28.03 -51.38
CA ASN B 153 12.17 28.51 -52.09
C ASN B 153 11.33 27.33 -52.53
N LYS B 154 10.30 27.04 -51.77
CA LYS B 154 9.41 25.98 -52.17
C LYS B 154 8.41 26.54 -53.15
N LEU B 155 8.89 27.05 -54.27
CA LEU B 155 8.01 27.68 -55.25
C LEU B 155 7.11 26.67 -55.85
N GLU B 156 6.14 27.11 -56.61
CA GLU B 156 5.30 26.17 -57.29
C GLU B 156 6.01 25.81 -58.57
N MET B 157 6.22 24.52 -58.80
CA MET B 157 6.92 24.08 -59.99
C MET B 157 6.02 23.25 -60.85
N LYS B 158 6.28 23.25 -62.14
CA LYS B 158 5.48 22.47 -63.06
C LYS B 158 6.25 22.17 -64.34
N ILE B 159 5.90 21.08 -64.98
CA ILE B 159 6.61 20.68 -66.21
C ILE B 159 5.58 20.40 -67.31
N VAL B 160 5.82 20.97 -68.52
CA VAL B 160 4.83 20.91 -69.60
C VAL B 160 5.45 20.50 -70.93
N TYR B 161 4.58 20.04 -71.84
CA TYR B 161 5.02 19.49 -73.12
C TYR B 161 3.98 19.71 -74.21
N GLY B 162 4.33 20.49 -75.23
CA GLY B 162 3.46 20.64 -76.39
C GLY B 162 3.78 19.59 -77.43
N ALA B 163 2.99 18.51 -77.47
CA ALA B 163 3.28 17.39 -78.37
C ALA B 163 2.88 17.76 -79.79
N TYR B 164 3.88 17.84 -80.66
CA TYR B 164 3.58 17.96 -82.08
C TYR B 164 2.77 16.76 -82.57
N GLU B 165 3.25 15.56 -82.27
CA GLU B 165 2.75 14.39 -82.95
C GLU B 165 1.46 13.86 -82.35
N ILE B 166 0.70 14.74 -81.73
CA ILE B 166 -0.72 14.50 -81.50
C ILE B 166 -1.38 15.70 -82.18
N GLY B 167 -1.56 15.62 -83.48
CA GLY B 167 -1.95 16.80 -84.22
C GLY B 167 -3.31 16.72 -84.84
N GLU B 168 -3.48 17.36 -86.00
CA GLU B 168 -4.73 17.33 -86.74
C GLU B 168 -4.51 17.68 -88.23
N LEU B 174 -2.96 23.44 -91.15
CA LEU B 174 -2.14 23.31 -89.94
C LEU B 174 -2.81 22.49 -88.86
N LYS B 175 -2.03 21.61 -88.23
CA LYS B 175 -2.45 20.86 -87.07
C LYS B 175 -2.27 21.70 -85.80
N LYS B 176 -3.12 21.43 -84.81
CA LYS B 176 -3.07 22.04 -83.50
C LYS B 176 -2.56 21.03 -82.47
N VAL B 177 -2.05 21.56 -81.37
CA VAL B 177 -1.23 20.76 -80.45
C VAL B 177 -1.56 21.07 -78.99
N PRO B 178 -1.90 20.05 -78.19
CA PRO B 178 -2.14 20.29 -76.77
C PRO B 178 -0.82 20.32 -76.01
N ILE B 179 -0.64 21.34 -75.19
CA ILE B 179 0.48 21.39 -74.27
C ILE B 179 0.08 20.68 -72.98
N LEU B 180 0.86 19.67 -72.61
CA LEU B 180 0.47 18.64 -71.65
C LEU B 180 1.32 18.73 -70.39
N ASP B 181 0.68 18.62 -69.21
CA ASP B 181 1.47 18.37 -68.00
C ASP B 181 2.30 17.11 -68.13
N ILE B 182 3.56 17.28 -67.78
CA ILE B 182 4.41 16.15 -67.53
C ILE B 182 4.91 16.39 -66.10
N THR B 183 4.12 17.16 -65.33
CA THR B 183 4.35 17.38 -63.91
C THR B 183 4.26 16.10 -63.10
N GLN B 184 3.53 15.10 -63.58
CA GLN B 184 3.42 13.84 -62.85
C GLN B 184 4.78 13.20 -62.60
N THR B 185 5.76 13.51 -63.44
CA THR B 185 7.08 12.93 -63.26
C THR B 185 7.69 13.37 -61.93
N LEU B 186 7.52 14.65 -61.54
CA LEU B 186 7.93 14.97 -60.18
C LEU B 186 6.87 14.59 -59.14
N GLU B 187 5.61 14.44 -59.53
CA GLU B 187 4.65 13.82 -58.62
C GLU B 187 5.18 12.48 -58.17
N LEU B 188 5.63 11.66 -59.12
CA LEU B 188 5.95 10.28 -58.80
C LEU B 188 7.19 10.14 -57.92
N SER B 189 8.17 11.04 -58.07
CA SER B 189 9.30 10.97 -57.13
C SER B 189 8.94 11.52 -55.76
N ASP B 190 8.01 12.48 -55.71
CA ASP B 190 7.45 12.89 -54.43
C ASP B 190 6.87 11.70 -53.69
N LEU B 191 5.97 10.95 -54.35
CA LEU B 191 5.44 9.72 -53.75
C LEU B 191 6.51 8.65 -53.56
N THR B 192 7.62 8.67 -54.28
CA THR B 192 8.64 7.70 -53.92
C THR B 192 9.22 8.05 -52.56
N ILE B 193 9.52 9.32 -52.31
CA ILE B 193 10.00 9.65 -50.96
C ILE B 193 8.94 9.31 -49.91
N ALA B 194 7.68 9.65 -50.19
CA ALA B 194 6.63 9.34 -49.24
C ALA B 194 6.61 7.84 -48.93
N LEU B 195 6.57 7.03 -49.98
CA LEU B 195 6.46 5.60 -49.81
C LEU B 195 7.63 5.05 -49.02
N GLU B 196 8.88 5.42 -49.35
CA GLU B 196 9.94 4.89 -48.49
C GLU B 196 9.80 5.38 -47.08
N GLU B 197 9.74 6.69 -46.89
CA GLU B 197 9.82 7.17 -45.53
C GLU B 197 8.80 6.43 -44.67
N PHE B 198 7.61 6.16 -45.22
CA PHE B 198 6.68 5.34 -44.45
C PHE B 198 7.16 3.91 -44.31
N GLU B 199 7.55 3.27 -45.41
CA GLU B 199 7.79 1.82 -45.40
C GLU B 199 8.98 1.45 -44.53
N ARG B 200 10.05 2.23 -44.56
CA ARG B 200 11.22 1.91 -43.76
C ARG B 200 11.21 2.51 -42.37
N TYR B 201 10.48 3.60 -42.15
CA TYR B 201 10.61 4.28 -40.88
C TYR B 201 9.27 4.62 -40.24
N GLY B 202 8.15 4.22 -40.85
CA GLY B 202 6.88 4.61 -40.31
C GLY B 202 6.61 6.09 -40.39
N ILE B 203 7.29 6.83 -41.29
CA ILE B 203 7.06 8.26 -41.44
C ILE B 203 5.78 8.48 -42.24
N THR B 204 4.91 9.39 -41.76
CA THR B 204 3.64 9.60 -42.44
C THR B 204 3.45 10.98 -43.09
N GLU B 205 4.29 11.97 -42.80
CA GLU B 205 4.06 13.33 -43.31
C GLU B 205 3.60 13.33 -44.75
N ARG B 206 4.50 12.86 -45.62
CA ARG B 206 4.28 12.90 -47.06
C ARG B 206 3.01 12.17 -47.44
N MET B 207 2.83 10.95 -46.93
CA MET B 207 1.65 10.19 -47.33
C MET B 207 0.39 10.89 -46.85
N ILE B 208 0.46 11.59 -45.73
CA ILE B 208 -0.74 12.27 -45.26
C ILE B 208 -1.06 13.45 -46.16
N ILE B 209 -0.04 14.19 -46.58
CA ILE B 209 -0.27 15.28 -47.52
C ILE B 209 -0.90 14.73 -48.78
N VAL B 210 -0.34 13.64 -49.29
CA VAL B 210 -0.85 13.03 -50.51
C VAL B 210 -2.31 12.62 -50.36
N LEU B 211 -2.64 12.02 -49.22
CA LEU B 211 -4.01 11.56 -48.99
C LEU B 211 -4.99 12.72 -48.89
N LYS B 212 -4.62 13.78 -48.18
CA LYS B 212 -5.48 14.96 -48.09
C LYS B 212 -5.71 15.61 -49.45
N ASN B 213 -4.65 15.73 -50.24
CA ASN B 213 -4.76 16.19 -51.63
C ASN B 213 -5.77 15.36 -52.43
N ILE B 214 -5.66 14.03 -52.38
CA ILE B 214 -6.58 13.22 -53.18
C ILE B 214 -8.01 13.36 -52.68
N GLN B 215 -8.17 13.46 -51.35
CA GLN B 215 -9.51 13.57 -50.79
C GLN B 215 -10.16 14.87 -51.25
N LYS B 216 -9.39 15.95 -51.27
CA LYS B 216 -9.88 17.23 -51.76
C LYS B 216 -10.20 17.20 -53.26
N ILE B 217 -9.40 16.48 -54.05
CA ILE B 217 -9.71 16.39 -55.47
C ILE B 217 -11.06 15.71 -55.66
N VAL B 218 -11.29 14.60 -54.96
CA VAL B 218 -12.58 13.93 -55.10
C VAL B 218 -13.67 14.81 -54.52
N ALA B 219 -13.32 15.66 -53.56
CA ALA B 219 -14.30 16.57 -52.98
C ALA B 219 -14.83 17.57 -54.01
N LYS B 220 -13.95 18.14 -54.83
CA LYS B 220 -14.48 19.04 -55.87
C LYS B 220 -15.12 18.24 -57.00
N ASN B 221 -14.38 17.32 -57.61
CA ASN B 221 -14.98 16.67 -58.78
C ASN B 221 -16.16 15.78 -58.43
N LYS B 222 -16.42 15.52 -57.14
CA LYS B 222 -17.55 14.69 -56.76
C LYS B 222 -17.41 13.29 -57.36
N LEU B 223 -16.18 12.81 -57.45
CA LEU B 223 -15.93 11.48 -58.00
C LEU B 223 -16.24 10.39 -56.98
N CYS B 224 -15.47 10.37 -55.90
CA CYS B 224 -15.65 9.37 -54.85
C CYS B 224 -16.75 9.78 -53.88
N ASN B 225 -17.05 8.86 -53.00
CA ASN B 225 -18.02 9.06 -51.93
C ASN B 225 -17.27 9.14 -50.59
N LEU B 226 -17.04 10.38 -50.12
CA LEU B 226 -16.51 10.61 -48.77
C LEU B 226 -17.43 9.93 -47.76
N ASN B 227 -16.94 9.77 -46.53
CA ASN B 227 -17.76 9.10 -45.51
C ASN B 227 -17.95 7.64 -45.90
N GLU B 228 -17.46 7.30 -47.09
CA GLU B 228 -17.17 5.92 -47.45
C GLU B 228 -15.70 5.73 -47.78
N LEU B 229 -15.05 6.73 -48.36
CA LEU B 229 -13.59 6.74 -48.40
C LEU B 229 -13.00 7.21 -47.07
N LYS B 230 -13.43 8.37 -46.59
CA LYS B 230 -12.94 8.95 -45.33
C LYS B 230 -11.41 8.97 -45.26
N PHE B 231 -10.78 9.36 -46.38
CA PHE B 231 -9.33 9.52 -46.39
C PHE B 231 -8.85 10.49 -45.32
N SER B 232 -9.64 11.53 -45.03
CA SER B 232 -9.28 12.51 -44.00
C SER B 232 -9.25 11.89 -42.62
N SER B 233 -10.25 11.08 -42.29
CA SER B 233 -10.21 10.36 -41.03
C SER B 233 -9.00 9.43 -41.01
N LEU B 234 -8.73 8.76 -42.13
CA LEU B 234 -7.63 7.81 -42.18
C LEU B 234 -6.32 8.51 -41.89
N SER B 235 -6.12 9.70 -42.44
CA SER B 235 -4.86 10.40 -42.22
C SER B 235 -4.79 11.01 -40.83
N ARG B 236 -5.91 11.28 -40.21
CA ARG B 236 -5.86 11.76 -38.86
C ARG B 236 -5.40 10.65 -37.98
N GLU B 237 -5.91 9.45 -38.22
CA GLU B 237 -5.45 8.31 -37.43
C GLU B 237 -4.03 7.86 -37.79
N LEU B 238 -3.62 8.00 -39.04
CA LEU B 238 -2.24 7.67 -39.42
C LEU B 238 -1.25 8.54 -38.66
N LYS B 239 -1.47 9.85 -38.65
CA LYS B 239 -0.58 10.69 -37.84
C LYS B 239 -0.60 10.20 -36.40
N LEU B 240 -1.79 9.91 -35.89
CA LEU B 240 -1.88 9.60 -34.47
C LEU B 240 -1.12 8.33 -34.14
N PHE B 241 -1.24 7.31 -34.98
CA PHE B 241 -0.58 6.04 -34.75
C PHE B 241 0.92 6.17 -34.85
N GLU B 242 1.41 6.93 -35.83
CA GLU B 242 2.84 7.14 -35.90
C GLU B 242 3.33 7.71 -34.60
N GLU B 243 2.59 8.68 -34.05
CA GLU B 243 3.00 9.29 -32.80
C GLU B 243 2.90 8.35 -31.61
N LEU B 244 1.94 7.42 -31.64
CA LEU B 244 1.78 6.44 -30.56
C LEU B 244 2.84 5.36 -30.60
N LEU B 245 3.45 5.13 -31.77
CA LEU B 245 4.65 4.30 -31.85
C LEU B 245 5.86 5.08 -31.39
N LYS B 246 6.04 6.29 -31.91
CA LYS B 246 7.20 7.09 -31.54
C LYS B 246 7.28 7.34 -30.03
N ILE B 247 6.15 7.51 -29.36
CA ILE B 247 6.18 7.87 -27.95
C ILE B 247 5.59 6.71 -27.16
N PRO B 248 6.38 6.01 -26.33
CA PRO B 248 5.88 4.79 -25.70
C PRO B 248 4.55 5.02 -25.03
N SER B 249 3.57 4.21 -25.39
CA SER B 249 2.16 4.50 -25.20
C SER B 249 1.42 3.29 -24.68
N PRO B 250 0.32 3.50 -23.96
CA PRO B 250 -0.41 2.40 -23.37
C PRO B 250 -0.87 1.43 -24.44
N PRO B 251 -0.82 0.13 -24.18
CA PRO B 251 -1.26 -0.80 -25.21
C PRO B 251 -2.68 -0.58 -25.58
N GLU B 252 -3.48 0.03 -24.71
CA GLU B 252 -4.88 0.30 -25.01
C GLU B 252 -5.04 1.42 -26.04
N LYS B 253 -4.26 2.50 -25.94
CA LYS B 253 -4.30 3.48 -27.02
C LYS B 253 -3.80 2.89 -28.34
N ILE B 254 -2.77 2.06 -28.29
CA ILE B 254 -2.27 1.47 -29.54
C ILE B 254 -3.32 0.55 -30.14
N ALA B 255 -3.89 -0.31 -29.33
CA ALA B 255 -4.93 -1.18 -29.85
C ALA B 255 -6.11 -0.35 -30.36
N ASN B 256 -6.47 0.73 -29.65
CA ASN B 256 -7.58 1.56 -30.11
C ASN B 256 -7.29 2.16 -31.49
N SER B 257 -6.11 2.76 -31.66
CA SER B 257 -5.79 3.33 -32.97
C SER B 257 -5.76 2.25 -34.03
N ILE B 258 -5.16 1.11 -33.72
CA ILE B 258 -5.06 0.09 -34.75
C ILE B 258 -6.43 -0.47 -35.11
N TYR B 259 -7.32 -0.57 -34.13
CA TYR B 259 -8.64 -1.09 -34.45
C TYR B 259 -9.46 -0.06 -35.25
N LYS B 260 -9.34 1.22 -34.93
CA LYS B 260 -9.92 2.25 -35.78
C LYS B 260 -9.36 2.20 -37.18
N ILE B 261 -8.09 1.81 -37.33
CA ILE B 261 -7.52 1.85 -38.67
C ILE B 261 -7.90 0.63 -39.51
N ASN B 262 -8.09 -0.57 -38.94
CA ASN B 262 -8.87 -1.57 -39.70
C ASN B 262 -10.24 -1.06 -40.09
N ASP B 263 -10.97 -0.53 -39.12
CA ASP B 263 -12.36 -0.27 -39.38
C ASP B 263 -12.50 0.76 -40.50
N ILE B 264 -11.67 1.81 -40.49
CA ILE B 264 -11.64 2.77 -41.58
C ILE B 264 -11.11 2.16 -42.86
N LEU B 265 -9.99 1.43 -42.77
CA LEU B 265 -9.25 1.08 -43.96
C LEU B 265 -10.06 0.18 -44.87
N GLU B 266 -10.86 -0.72 -44.31
CA GLU B 266 -11.64 -1.56 -45.21
C GLU B 266 -12.55 -0.70 -46.07
N SER B 267 -13.24 0.27 -45.45
CA SER B 267 -14.19 1.09 -46.19
C SER B 267 -13.48 1.97 -47.22
N SER B 268 -12.38 2.62 -46.83
CA SER B 268 -11.70 3.48 -47.81
C SER B 268 -11.03 2.66 -48.91
N ILE B 269 -10.62 1.44 -48.61
CA ILE B 269 -10.10 0.56 -49.66
C ILE B 269 -11.17 0.23 -50.68
N ARG B 270 -12.33 -0.24 -50.21
CA ARG B 270 -13.41 -0.53 -51.16
C ARG B 270 -13.73 0.71 -51.96
N GLU B 271 -13.85 1.86 -51.29
CA GLU B 271 -14.34 3.05 -51.96
C GLU B 271 -13.33 3.62 -52.94
N PHE B 272 -12.04 3.59 -52.60
CA PHE B 272 -11.04 4.13 -53.51
C PHE B 272 -11.12 3.42 -54.84
N LYS B 273 -11.04 2.09 -54.81
CA LYS B 273 -11.13 1.26 -55.99
C LYS B 273 -12.17 1.81 -56.96
N LEU B 274 -13.30 2.28 -56.42
CA LEU B 274 -14.33 2.91 -57.25
C LEU B 274 -13.97 4.34 -57.64
N CYS B 275 -12.79 4.55 -58.20
CA CYS B 275 -12.37 5.93 -58.41
C CYS B 275 -11.33 5.95 -59.52
N SER B 276 -11.49 6.93 -60.39
CA SER B 276 -10.82 7.01 -61.68
C SER B 276 -10.72 8.48 -62.02
N LYS B 277 -10.64 8.79 -63.31
CA LYS B 277 -10.83 10.15 -63.81
C LYS B 277 -9.49 10.89 -63.72
N ASN B 278 -9.28 11.90 -64.56
CA ASN B 278 -7.92 12.35 -64.85
C ASN B 278 -7.69 13.85 -64.79
N LEU B 282 -7.57 12.31 -62.06
CA LEU B 282 -6.97 13.58 -61.68
C LEU B 282 -5.77 13.32 -60.77
N PHE B 283 -5.50 12.03 -60.52
CA PHE B 283 -4.45 11.60 -59.61
C PHE B 283 -4.04 10.16 -59.93
N PHE B 284 -2.79 9.83 -59.62
CA PHE B 284 -2.32 8.45 -59.74
C PHE B 284 -3.11 7.53 -58.85
N ILE B 285 -3.43 6.33 -59.33
CA ILE B 285 -4.23 5.40 -58.54
C ILE B 285 -3.37 4.30 -57.92
N LYS B 286 -2.52 3.64 -58.70
CA LYS B 286 -1.79 2.50 -58.15
C LYS B 286 -0.92 2.87 -56.96
N PRO B 287 -0.15 3.96 -56.98
CA PRO B 287 0.73 4.22 -55.82
C PRO B 287 -0.04 4.47 -54.54
N ILE B 288 -1.07 5.31 -54.58
CA ILE B 288 -1.81 5.54 -53.35
C ILE B 288 -2.41 4.23 -52.85
N GLN B 289 -2.84 3.36 -53.76
CA GLN B 289 -3.37 2.09 -53.27
C GLN B 289 -2.24 1.18 -52.80
N LYS B 290 -1.08 1.26 -53.44
CA LYS B 290 0.09 0.55 -52.93
C LYS B 290 0.35 0.93 -51.47
N PHE B 291 0.21 2.21 -51.12
CA PHE B 291 0.43 2.65 -49.73
C PHE B 291 -0.66 2.12 -48.80
N LEU B 292 -1.92 2.20 -49.21
CA LEU B 292 -2.98 1.63 -48.37
C LEU B 292 -2.66 0.18 -48.05
N VAL B 293 -2.27 -0.59 -49.07
CA VAL B 293 -1.95 -1.98 -48.82
C VAL B 293 -0.62 -2.10 -48.07
N ASP B 294 0.27 -1.13 -48.21
CA ASP B 294 1.52 -1.16 -47.47
C ASP B 294 1.23 -1.23 -45.98
N PHE B 295 0.32 -0.38 -45.52
CA PHE B 295 -0.11 -0.46 -44.13
C PHE B 295 -0.74 -1.81 -43.85
N GLN B 296 -1.71 -2.19 -44.67
CA GLN B 296 -2.28 -3.54 -44.60
C GLN B 296 -1.24 -4.61 -44.28
N LYS B 297 -0.11 -4.60 -44.98
CA LYS B 297 0.90 -5.64 -44.94
C LYS B 297 1.92 -5.41 -43.82
N ILE B 298 2.45 -4.20 -43.69
CA ILE B 298 3.47 -3.92 -42.68
C ILE B 298 2.88 -4.01 -41.27
N VAL B 299 1.74 -3.34 -41.06
CA VAL B 299 1.25 -3.13 -39.70
C VAL B 299 0.16 -4.15 -39.38
N LEU B 300 -0.96 -4.09 -40.07
CA LEU B 300 -2.16 -4.76 -39.57
C LEU B 300 -2.07 -6.28 -39.68
N GLU B 301 -1.50 -6.78 -40.77
CA GLU B 301 -1.61 -8.22 -41.02
C GLU B 301 -0.82 -9.02 -40.00
N LYS B 302 0.02 -8.38 -39.21
CA LYS B 302 0.81 -9.07 -38.21
C LYS B 302 0.28 -8.91 -36.78
N LEU B 303 -0.92 -8.36 -36.60
CA LEU B 303 -1.45 -8.09 -35.27
C LEU B 303 -2.63 -8.98 -34.97
N PRO B 304 -2.66 -9.63 -33.84
CA PRO B 304 -3.77 -10.53 -33.49
C PRO B 304 -5.08 -9.79 -33.23
N LEU B 305 -5.78 -9.44 -34.29
CA LEU B 305 -7.00 -8.67 -34.15
C LEU B 305 -8.23 -9.53 -33.89
N ASP B 306 -8.15 -10.86 -34.05
CA ASP B 306 -9.35 -11.66 -33.86
C ASP B 306 -9.93 -11.40 -32.47
N LYS B 307 -9.08 -11.35 -31.47
CA LYS B 307 -9.47 -10.91 -30.14
C LYS B 307 -9.81 -9.43 -30.16
N LYS B 308 -10.75 -9.04 -29.33
CA LYS B 308 -11.13 -7.63 -29.28
C LYS B 308 -10.37 -6.97 -28.13
N ILE B 309 -9.05 -6.87 -28.33
CA ILE B 309 -8.17 -6.24 -27.35
C ILE B 309 -8.76 -4.96 -26.81
N ASN B 310 -9.48 -4.20 -27.65
CA ASN B 310 -10.11 -2.96 -27.21
C ASN B 310 -10.88 -3.18 -25.92
N LYS B 311 -11.47 -4.35 -25.79
CA LYS B 311 -12.44 -4.65 -24.77
C LYS B 311 -11.87 -5.17 -23.48
N TYR B 312 -10.57 -5.38 -23.38
CA TYR B 312 -9.98 -5.84 -22.12
C TYR B 312 -9.01 -4.79 -21.62
N SER B 313 -9.42 -3.54 -21.71
CA SER B 313 -8.50 -2.45 -21.48
C SER B 313 -7.99 -2.36 -20.05
N ASN B 314 -8.61 -3.07 -19.10
CA ASN B 314 -8.33 -2.85 -17.69
C ASN B 314 -7.57 -3.97 -17.01
N ILE B 315 -7.37 -5.09 -17.70
CA ILE B 315 -6.68 -6.22 -17.10
C ILE B 315 -5.54 -6.67 -18.02
N ALA B 316 -4.59 -7.39 -17.43
CA ALA B 316 -3.54 -8.02 -18.22
C ALA B 316 -4.06 -9.35 -18.76
N THR B 317 -3.85 -9.58 -20.06
CA THR B 317 -4.23 -10.84 -20.69
C THR B 317 -3.16 -11.23 -21.71
N LEU B 318 -3.10 -12.55 -21.99
CA LEU B 318 -2.11 -13.09 -22.94
C LEU B 318 -2.37 -12.64 -24.38
N GLU B 319 -3.64 -12.56 -24.80
CA GLU B 319 -3.89 -12.08 -26.15
C GLU B 319 -3.44 -10.64 -26.25
N LYS B 320 -3.60 -9.87 -25.18
CA LYS B 320 -3.03 -8.53 -25.15
C LYS B 320 -1.52 -8.60 -25.25
N VAL B 321 -0.91 -9.56 -24.55
CA VAL B 321 0.54 -9.65 -24.57
C VAL B 321 1.00 -9.95 -25.99
N GLU B 322 0.33 -10.86 -26.68
CA GLU B 322 0.74 -11.20 -28.03
C GLU B 322 0.60 -10.01 -28.96
N PHE B 323 -0.55 -9.34 -28.90
CA PHE B 323 -0.71 -8.11 -29.67
C PHE B 323 0.45 -7.18 -29.42
N MET B 324 0.82 -7.02 -28.17
CA MET B 324 1.88 -6.09 -27.84
C MET B 324 3.27 -6.64 -28.24
N LYS B 325 3.44 -7.96 -28.25
CA LYS B 325 4.70 -8.53 -28.72
C LYS B 325 4.93 -8.14 -30.15
N ASN B 326 3.91 -8.32 -30.99
CA ASN B 326 4.03 -7.91 -32.39
C ASN B 326 4.17 -6.40 -32.50
N ILE B 327 3.62 -5.66 -31.57
CA ILE B 327 3.85 -4.22 -31.65
C ILE B 327 5.32 -3.91 -31.43
N ILE B 328 5.94 -4.58 -30.46
CA ILE B 328 7.38 -4.41 -30.25
C ILE B 328 8.11 -4.77 -31.54
N LYS B 329 7.71 -5.89 -32.17
CA LYS B 329 8.36 -6.30 -33.41
C LYS B 329 8.26 -5.21 -34.47
N LEU B 330 7.08 -4.59 -34.66
CA LEU B 330 6.96 -3.51 -35.65
C LEU B 330 7.83 -2.32 -35.25
N LEU B 331 7.90 -2.05 -33.96
CA LEU B 331 8.75 -0.98 -33.44
C LEU B 331 10.20 -1.20 -33.83
N ILE B 332 10.66 -2.45 -33.67
CA ILE B 332 12.02 -2.85 -34.02
C ILE B 332 12.22 -2.82 -35.53
N ASN B 333 11.21 -3.24 -36.29
CA ASN B 333 11.28 -3.14 -37.72
C ASN B 333 11.46 -1.71 -38.19
N TRP B 334 11.08 -0.72 -37.39
CA TRP B 334 11.19 0.64 -37.86
C TRP B 334 12.27 1.38 -37.10
N LYS B 335 13.25 0.62 -36.60
CA LYS B 335 14.46 1.18 -36.01
C LYS B 335 14.14 2.07 -34.82
N MET B 336 13.04 1.74 -34.15
CA MET B 336 12.59 2.43 -32.94
C MET B 336 13.00 1.65 -31.68
N TYR B 337 14.32 1.43 -31.57
CA TYR B 337 14.87 0.48 -30.61
C TYR B 337 14.49 0.81 -29.19
N SER B 338 14.50 2.07 -28.90
CA SER B 338 14.42 2.58 -27.56
C SER B 338 12.96 2.51 -27.06
N GLU B 339 12.01 2.80 -27.95
CA GLU B 339 10.62 2.55 -27.62
C GLU B 339 10.37 1.06 -27.45
N ALA B 340 10.98 0.24 -28.31
CA ALA B 340 10.80 -1.22 -28.23
C ALA B 340 11.27 -1.77 -26.89
N VAL B 341 12.38 -1.25 -26.35
CA VAL B 341 12.82 -1.74 -25.05
C VAL B 341 11.82 -1.36 -23.97
N ILE B 342 11.41 -0.09 -23.91
CA ILE B 342 10.48 0.29 -22.84
C ILE B 342 9.25 -0.62 -22.89
N HIS B 343 8.73 -0.80 -24.08
CA HIS B 343 7.56 -1.65 -24.20
C HIS B 343 7.84 -3.06 -23.72
N LEU B 344 9.03 -3.63 -24.07
CA LEU B 344 9.36 -5.01 -23.68
C LEU B 344 9.37 -5.20 -22.17
N ARG B 345 9.97 -4.24 -21.45
CA ARG B 345 10.01 -4.41 -20.00
C ARG B 345 8.62 -4.38 -19.42
N GLU B 346 7.77 -3.46 -19.89
CA GLU B 346 6.42 -3.42 -19.34
C GLU B 346 5.65 -4.70 -19.69
N LEU B 347 5.83 -5.18 -20.91
CA LEU B 347 5.26 -6.46 -21.32
C LEU B 347 5.67 -7.58 -20.39
N LEU B 348 6.92 -7.57 -19.95
CA LEU B 348 7.35 -8.62 -19.05
C LEU B 348 6.72 -8.47 -17.67
N ILE B 349 6.45 -7.23 -17.25
CA ILE B 349 5.68 -7.03 -16.01
C ILE B 349 4.26 -7.56 -16.16
N ASP B 350 3.65 -7.36 -17.33
CA ASP B 350 2.33 -7.97 -17.60
C ASP B 350 2.40 -9.48 -17.47
N ILE B 351 3.46 -10.09 -18.01
CA ILE B 351 3.59 -11.55 -17.93
C ILE B 351 3.76 -11.98 -16.47
N LYS B 352 4.63 -11.30 -15.71
CA LYS B 352 4.68 -11.62 -14.28
C LYS B 352 3.30 -11.56 -13.69
N LEU B 353 2.59 -10.45 -13.92
CA LEU B 353 1.23 -10.30 -13.40
C LEU B 353 0.36 -11.50 -13.75
N ILE B 354 0.28 -11.82 -15.04
CA ILE B 354 -0.63 -12.87 -15.50
C ILE B 354 -0.28 -14.19 -14.83
N GLU B 355 1.02 -14.48 -14.71
CA GLU B 355 1.50 -15.77 -14.20
C GLU B 355 1.35 -15.89 -12.70
N ASN B 356 1.17 -14.78 -11.99
CA ASN B 356 0.89 -14.78 -10.56
C ASN B 356 -0.59 -14.53 -10.28
N GLY B 357 -1.43 -14.50 -11.31
CA GLY B 357 -2.84 -14.26 -11.07
C GLY B 357 -3.11 -12.91 -10.46
N LYS B 358 -2.25 -11.92 -10.71
CA LYS B 358 -2.49 -10.54 -10.32
C LYS B 358 -2.86 -9.70 -11.53
N TYR B 359 -3.32 -10.33 -12.61
CA TYR B 359 -3.63 -9.60 -13.82
C TYR B 359 -4.47 -8.36 -13.57
N PHE B 360 -5.24 -8.37 -12.47
CA PHE B 360 -6.10 -7.24 -12.15
C PHE B 360 -5.35 -6.04 -11.63
N TYR B 361 -4.07 -6.17 -11.26
CA TYR B 361 -3.29 -5.01 -10.86
C TYR B 361 -2.62 -4.35 -12.06
N TYR B 362 -3.09 -4.71 -13.26
CA TYR B 362 -2.43 -4.44 -14.52
C TYR B 362 -2.20 -2.95 -14.70
N ASN B 363 -3.19 -2.15 -14.35
CA ASN B 363 -3.19 -0.70 -14.49
C ASN B 363 -2.97 0.06 -13.20
N ASN B 364 -2.40 -0.61 -12.19
CA ASN B 364 -2.27 -0.04 -10.86
C ASN B 364 -0.83 0.44 -10.65
N LYS B 365 -0.66 1.75 -10.55
CA LYS B 365 0.68 2.33 -10.50
C LYS B 365 1.53 1.71 -9.40
N ASP B 366 0.99 1.66 -8.17
CA ASP B 366 1.76 1.16 -7.04
C ASP B 366 2.15 -0.30 -7.20
N PHE B 367 1.20 -1.14 -7.56
CA PHE B 367 1.51 -2.55 -7.69
C PHE B 367 2.56 -2.76 -8.77
N ARG B 368 2.45 -1.96 -9.82
CA ARG B 368 3.41 -2.07 -10.90
C ARG B 368 4.79 -1.68 -10.42
N GLU B 369 4.91 -0.65 -9.56
CA GLU B 369 6.24 -0.31 -9.06
C GLU B 369 6.77 -1.39 -8.13
N LYS B 370 5.86 -2.06 -7.42
CA LYS B 370 6.26 -3.23 -6.66
C LYS B 370 6.84 -4.30 -7.58
N TYR B 371 6.47 -4.31 -8.86
CA TYR B 371 7.18 -5.22 -9.79
C TYR B 371 8.27 -4.54 -10.63
N TRP B 372 8.29 -3.21 -10.67
CA TRP B 372 9.37 -2.40 -11.22
C TRP B 372 10.64 -2.50 -10.38
N MET B 373 10.55 -3.09 -9.19
CA MET B 373 11.75 -3.43 -8.43
C MET B 373 11.99 -4.93 -8.28
N TYR B 374 11.03 -5.67 -7.72
CA TYR B 374 11.30 -7.00 -7.14
C TYR B 374 12.14 -7.97 -7.98
N ASP B 383 8.35 -21.14 -8.13
CA ASP B 383 8.82 -22.49 -7.83
C ASP B 383 9.36 -23.10 -9.10
N LYS B 384 8.44 -23.49 -9.98
CA LYS B 384 8.78 -24.34 -11.12
C LYS B 384 9.79 -23.67 -12.04
N GLU B 385 10.19 -24.38 -13.10
CA GLU B 385 11.18 -23.84 -14.03
C GLU B 385 10.66 -22.57 -14.71
N LEU B 386 9.35 -22.53 -15.02
CA LEU B 386 8.80 -21.41 -15.78
C LEU B 386 8.93 -20.07 -15.08
N PRO B 387 8.50 -19.91 -13.83
CA PRO B 387 8.67 -18.61 -13.19
C PRO B 387 10.14 -18.22 -13.13
N LYS B 388 11.03 -19.17 -12.92
CA LYS B 388 12.45 -18.82 -12.96
C LYS B 388 12.83 -18.26 -14.32
N LYS B 389 12.31 -18.87 -15.40
CA LYS B 389 12.57 -18.37 -16.75
C LYS B 389 12.10 -16.92 -16.89
N ILE B 390 10.87 -16.66 -16.44
CA ILE B 390 10.26 -15.34 -16.58
C ILE B 390 11.03 -14.31 -15.78
N GLU B 391 11.43 -14.68 -14.56
CA GLU B 391 12.11 -13.75 -13.68
C GLU B 391 13.48 -13.38 -14.20
N GLU B 392 14.20 -14.36 -14.75
CA GLU B 392 15.51 -14.06 -15.31
C GLU B 392 15.39 -13.12 -16.48
N LEU B 393 14.41 -13.37 -17.37
CA LEU B 393 14.23 -12.52 -18.54
C LEU B 393 13.88 -11.10 -18.16
N LEU B 394 13.02 -10.89 -17.13
CA LEU B 394 12.90 -9.53 -16.60
C LEU B 394 14.23 -9.00 -16.12
N LYS B 395 14.97 -9.75 -15.32
CA LYS B 395 16.20 -9.19 -14.76
C LYS B 395 17.00 -8.56 -15.89
N ASN B 396 17.14 -9.30 -16.98
CA ASN B 396 18.00 -8.85 -18.05
C ASN B 396 17.36 -7.73 -18.85
N VAL B 397 16.07 -7.85 -19.16
CA VAL B 397 15.40 -6.79 -19.87
C VAL B 397 15.49 -5.51 -19.08
N LYS B 398 15.31 -5.61 -17.76
CA LYS B 398 15.40 -4.45 -16.89
C LYS B 398 16.73 -3.79 -17.05
N GLY B 399 17.80 -4.56 -16.97
CA GLY B 399 19.08 -3.93 -17.05
C GLY B 399 19.20 -3.12 -18.31
N TRP B 400 18.84 -3.73 -19.43
CA TRP B 400 19.19 -2.96 -20.60
C TRP B 400 18.15 -1.87 -20.93
N ARG B 401 16.89 -2.02 -20.51
CA ARG B 401 15.97 -0.85 -20.45
C ARG B 401 16.52 0.29 -19.61
N ASN B 402 17.07 0.00 -18.43
CA ASN B 402 17.67 1.05 -17.61
C ASN B 402 18.79 1.71 -18.39
N SER B 403 19.56 0.93 -19.14
CA SER B 403 20.58 1.53 -19.98
C SER B 403 19.96 2.59 -20.89
N VAL B 404 18.83 2.26 -21.52
CA VAL B 404 18.20 3.24 -22.41
C VAL B 404 17.68 4.41 -21.60
N ALA B 405 17.00 4.10 -20.51
CA ALA B 405 16.13 4.97 -19.73
C ALA B 405 16.86 5.91 -18.79
N HIS B 406 18.18 5.80 -18.62
CA HIS B 406 18.97 6.80 -17.90
C HIS B 406 20.09 7.38 -18.74
N GLY B 407 20.00 7.25 -20.05
CA GLY B 407 20.97 7.88 -20.90
C GLY B 407 22.31 7.24 -20.81
N GLY B 408 22.39 6.02 -20.29
CA GLY B 408 23.64 5.37 -19.99
C GLY B 408 24.49 6.08 -18.95
N ARG B 409 23.92 6.99 -18.17
CA ARG B 409 24.78 7.72 -17.27
C ARG B 409 25.40 6.74 -16.30
N ALA B 410 26.44 7.22 -15.59
CA ALA B 410 27.17 6.42 -14.64
C ALA B 410 27.56 5.09 -15.27
N ASN B 411 28.02 5.14 -16.52
CA ASN B 411 28.61 3.97 -17.16
C ASN B 411 27.64 2.80 -17.24
N THR B 412 26.54 2.99 -17.95
CA THR B 412 25.54 1.96 -18.11
C THR B 412 25.03 1.97 -19.54
N SER B 413 25.90 2.34 -20.47
CA SER B 413 25.50 2.50 -21.85
C SER B 413 25.22 1.16 -22.53
N ILE B 414 24.41 1.21 -23.58
CA ILE B 414 24.18 0.09 -24.49
C ILE B 414 24.20 0.63 -25.93
N ASN B 415 24.82 -0.10 -26.86
CA ASN B 415 24.86 0.44 -28.20
C ASN B 415 23.69 -0.12 -28.99
N GLN B 416 23.45 0.48 -30.15
CA GLN B 416 22.27 0.14 -30.92
C GLN B 416 22.27 -1.33 -31.30
N LYS B 417 23.41 -1.86 -31.81
CA LYS B 417 23.37 -3.22 -32.35
C LYS B 417 23.21 -4.25 -31.26
N THR B 418 23.94 -4.09 -30.14
CA THR B 418 23.70 -5.00 -29.02
C THR B 418 22.24 -4.95 -28.57
N LEU B 419 21.66 -3.75 -28.49
CA LEU B 419 20.29 -3.62 -28.04
C LEU B 419 19.35 -4.35 -29.00
N GLU B 420 19.61 -4.24 -30.31
CA GLU B 420 18.71 -4.86 -31.29
C GLU B 420 18.80 -6.38 -31.23
N GLU B 421 20.02 -6.90 -31.05
CA GLU B 421 20.23 -8.32 -30.79
C GLU B 421 19.52 -8.78 -29.54
N ASN B 422 19.71 -8.07 -28.44
CA ASN B 422 19.06 -8.45 -27.20
C ASN B 422 17.54 -8.43 -27.35
N LEU B 423 16.98 -7.42 -28.03
CA LEU B 423 15.55 -7.36 -28.25
C LEU B 423 15.08 -8.58 -29.01
N GLU B 424 15.82 -8.98 -30.04
CA GLU B 424 15.44 -10.18 -30.77
C GLU B 424 15.60 -11.46 -29.94
N ASN B 425 16.73 -11.63 -29.25
CA ASN B 425 16.87 -12.81 -28.40
C ASN B 425 15.69 -12.88 -27.44
N ALA B 426 15.38 -11.73 -26.81
CA ALA B 426 14.36 -11.66 -25.77
C ALA B 426 12.99 -11.96 -26.35
N LEU B 427 12.75 -11.54 -27.59
CA LEU B 427 11.48 -11.85 -28.23
C LEU B 427 11.36 -13.35 -28.50
N SER B 428 12.45 -14.02 -28.87
CA SER B 428 12.37 -15.47 -28.97
C SER B 428 11.95 -16.07 -27.66
N MET B 429 12.58 -15.63 -26.58
CA MET B 429 12.23 -16.28 -25.33
C MET B 429 10.81 -15.92 -24.88
N ILE B 430 10.32 -14.73 -25.21
CA ILE B 430 8.92 -14.42 -24.94
C ILE B 430 8.04 -15.39 -25.70
N ASP B 431 8.42 -15.74 -26.92
CA ASP B 431 7.61 -16.71 -27.63
C ASP B 431 7.55 -18.01 -26.84
N GLU B 432 8.71 -18.47 -26.39
CA GLU B 432 8.83 -19.69 -25.57
C GLU B 432 7.96 -19.64 -24.31
N ILE B 433 8.04 -18.51 -23.58
CA ILE B 433 7.28 -18.33 -22.35
C ILE B 433 5.80 -18.37 -22.64
N LEU B 434 5.37 -17.72 -23.72
CA LEU B 434 3.96 -17.62 -24.05
C LEU B 434 3.40 -18.98 -24.43
N LEU B 435 4.22 -19.84 -25.06
CA LEU B 435 3.88 -21.24 -25.16
C LEU B 435 3.66 -21.86 -23.79
N SER B 436 4.70 -21.82 -22.95
CA SER B 436 4.61 -22.55 -21.68
C SER B 436 3.42 -22.10 -20.85
N MET B 437 2.94 -20.88 -21.05
CA MET B 437 1.87 -20.32 -20.26
C MET B 437 0.51 -20.58 -20.85
N LYS B 438 0.46 -20.77 -22.17
CA LYS B 438 -0.81 -20.98 -22.85
C LYS B 438 -1.45 -22.30 -22.46
N ASP B 439 -0.69 -23.26 -21.95
CA ASP B 439 -1.26 -24.46 -21.33
C ASP B 439 -1.39 -24.35 -19.81
N LEU B 440 -0.49 -23.63 -19.15
CA LEU B 440 -0.37 -23.61 -17.69
C LEU B 440 -1.72 -23.45 -17.03
N LYS B 441 -2.12 -24.45 -16.25
CA LYS B 441 -3.34 -24.28 -15.51
C LYS B 441 -3.00 -23.24 -14.45
N VAL B 442 -3.17 -21.97 -14.80
CA VAL B 442 -2.80 -20.88 -13.89
C VAL B 442 -3.83 -20.90 -12.76
N ASN B 443 -3.45 -21.51 -11.63
CA ASN B 443 -4.42 -22.01 -10.66
C ASN B 443 -5.10 -20.92 -9.85
N SER B 444 -6.02 -20.22 -10.49
CA SER B 444 -6.91 -19.29 -9.81
C SER B 444 -7.46 -19.96 -8.55
N LYS B 445 -7.29 -19.30 -7.41
CA LYS B 445 -7.84 -19.83 -6.17
C LYS B 445 -9.32 -19.51 -6.10
N LYS B 446 -9.94 -19.64 -4.92
CA LYS B 446 -11.34 -19.29 -4.78
C LYS B 446 -11.62 -17.90 -5.35
N ILE B 447 -12.55 -17.82 -6.29
CA ILE B 447 -13.14 -16.54 -6.68
C ILE B 447 -14.61 -16.60 -6.30
N TYR B 448 -14.99 -15.84 -5.28
CA TYR B 448 -16.39 -15.70 -4.95
C TYR B 448 -17.10 -14.93 -6.05
N LEU B 449 -18.37 -15.25 -6.29
CA LEU B 449 -19.25 -14.43 -7.13
C LEU B 449 -20.30 -13.70 -6.28
N LEU B 450 -20.26 -12.37 -6.29
CA LEU B 450 -21.16 -11.56 -5.48
C LEU B 450 -22.07 -10.66 -6.32
N ASN B 451 -23.23 -10.32 -5.79
CA ASN B 451 -24.03 -9.25 -6.39
C ASN B 451 -24.04 -8.02 -5.51
N SER B 452 -22.94 -7.75 -4.82
CA SER B 452 -22.72 -6.42 -4.26
C SER B 452 -21.24 -6.23 -3.97
N THR B 453 -20.80 -4.98 -4.03
CA THR B 453 -19.40 -4.67 -3.80
C THR B 453 -19.18 -4.45 -2.29
N ILE B 454 -19.50 -5.51 -1.54
CA ILE B 454 -19.35 -5.52 -0.08
C ILE B 454 -17.98 -6.07 0.28
N MET B 455 -17.51 -5.76 1.48
CA MET B 455 -16.22 -6.23 1.96
C MET B 455 -16.41 -6.93 3.29
N PRO B 456 -16.92 -8.15 3.26
CA PRO B 456 -17.01 -8.97 4.47
C PRO B 456 -15.69 -9.61 4.86
N ILE B 457 -15.36 -9.54 6.14
CA ILE B 457 -14.18 -10.24 6.64
C ILE B 457 -14.66 -11.26 7.65
N PRO B 458 -13.84 -12.27 7.95
CA PRO B 458 -14.25 -13.31 8.91
C PRO B 458 -14.56 -12.73 10.27
N LYS B 459 -15.54 -13.33 10.95
CA LYS B 459 -15.80 -12.94 12.33
C LYS B 459 -14.51 -12.97 13.10
N ASP B 460 -13.62 -13.85 12.67
CA ASP B 460 -12.25 -13.93 13.15
C ASP B 460 -11.54 -12.56 13.14
N ASN B 461 -11.69 -11.78 12.05
CA ASN B 461 -10.88 -10.59 11.75
C ASN B 461 -11.52 -9.28 12.23
N GLN B 462 -10.67 -8.28 12.47
CA GLN B 462 -11.06 -6.96 12.95
C GLN B 462 -10.73 -5.81 12.01
N GLU B 463 -9.95 -6.04 10.94
CA GLU B 463 -9.59 -5.00 9.96
C GLU B 463 -9.39 -5.68 8.61
N GLY B 464 -9.33 -4.86 7.54
CA GLY B 464 -9.08 -5.41 6.22
C GLY B 464 -8.68 -4.33 5.24
N LYS B 465 -7.90 -4.72 4.23
CA LYS B 465 -7.52 -3.86 3.11
C LYS B 465 -7.97 -4.55 1.82
N PHE B 466 -8.79 -3.87 1.03
CA PHE B 466 -9.42 -4.42 -0.16
C PHE B 466 -9.07 -3.55 -1.38
N TYR B 467 -9.08 -4.15 -2.56
CA TYR B 467 -8.82 -3.47 -3.82
C TYR B 467 -9.96 -3.76 -4.78
N ILE B 468 -10.55 -2.73 -5.40
CA ILE B 468 -11.68 -2.92 -6.29
C ILE B 468 -11.37 -2.32 -7.64
N LEU B 469 -11.69 -3.06 -8.71
CA LEU B 469 -11.38 -2.67 -10.10
C LEU B 469 -12.62 -2.81 -10.96
N LYS B 470 -12.91 -1.77 -11.73
CA LYS B 470 -14.04 -1.78 -12.64
C LYS B 470 -13.72 -2.54 -13.92
N LEU B 471 -14.53 -3.56 -14.24
CA LEU B 471 -14.32 -4.41 -15.41
C LEU B 471 -15.39 -4.13 -16.47
N THR B 472 -15.05 -4.42 -17.71
CA THR B 472 -15.97 -4.41 -18.83
C THR B 472 -16.77 -5.69 -18.90
N LYS B 473 -17.89 -5.67 -19.64
CA LYS B 473 -18.67 -6.89 -19.73
C LYS B 473 -17.81 -8.03 -20.29
N ASN B 474 -16.86 -7.71 -21.15
CA ASN B 474 -15.99 -8.76 -21.67
C ASN B 474 -15.06 -9.26 -20.57
N GLU B 475 -14.43 -8.34 -19.84
CA GLU B 475 -13.57 -8.75 -18.74
C GLU B 475 -14.36 -9.63 -17.78
N PHE B 476 -15.57 -9.19 -17.41
CA PHE B 476 -16.40 -9.98 -16.52
C PHE B 476 -16.59 -11.37 -17.09
N LYS B 477 -16.95 -11.46 -18.37
CA LYS B 477 -17.25 -12.78 -18.93
C LYS B 477 -16.02 -13.64 -18.92
N VAL B 478 -14.86 -13.05 -19.18
CA VAL B 478 -13.65 -13.86 -19.27
C VAL B 478 -13.31 -14.46 -17.92
N ILE B 479 -13.26 -13.61 -16.89
CA ILE B 479 -12.95 -14.08 -15.55
C ILE B 479 -13.95 -15.15 -15.14
N LEU B 480 -15.24 -14.89 -15.37
CA LEU B 480 -16.28 -15.80 -14.91
C LEU B 480 -16.16 -17.14 -15.61
N GLU B 481 -15.98 -17.12 -16.93
CA GLU B 481 -15.80 -18.35 -17.67
C GLU B 481 -14.63 -19.15 -17.10
N ASN B 482 -13.49 -18.50 -16.92
CA ASN B 482 -12.34 -19.19 -16.39
C ASN B 482 -12.60 -19.72 -14.98
N ALA B 483 -13.29 -18.94 -14.15
CA ALA B 483 -13.56 -19.44 -12.81
C ALA B 483 -14.36 -20.72 -12.90
N ILE B 484 -15.31 -20.78 -13.83
CA ILE B 484 -16.15 -21.97 -13.97
C ILE B 484 -15.33 -23.14 -14.50
N LYS B 485 -14.48 -22.90 -15.49
CA LYS B 485 -13.70 -23.98 -16.08
C LYS B 485 -12.63 -24.51 -15.13
N ASP B 486 -11.92 -23.62 -14.43
CA ASP B 486 -10.94 -24.02 -13.42
C ASP B 486 -11.59 -24.67 -12.22
N ASP B 487 -12.92 -24.61 -12.11
CA ASP B 487 -13.63 -25.15 -10.96
C ASP B 487 -13.24 -24.45 -9.66
N VAL B 488 -13.28 -23.12 -9.66
CA VAL B 488 -12.85 -22.36 -8.49
C VAL B 488 -13.86 -21.29 -8.10
N LEU B 489 -15.05 -21.33 -8.69
CA LEU B 489 -16.05 -20.30 -8.45
C LEU B 489 -16.85 -20.62 -7.21
N ASP B 490 -16.98 -19.65 -6.32
CA ASP B 490 -17.82 -19.76 -5.12
C ASP B 490 -18.93 -18.70 -5.22
N SER B 491 -20.00 -19.06 -5.92
CA SER B 491 -21.12 -18.14 -6.10
C SER B 491 -21.85 -17.96 -4.78
N ALA B 492 -22.15 -16.71 -4.45
CA ALA B 492 -23.10 -16.30 -3.44
C ALA B 492 -24.12 -15.35 -4.06
N ILE B 493 -24.59 -15.68 -5.26
CA ILE B 493 -25.61 -14.88 -5.92
C ILE B 493 -26.96 -15.23 -5.32
N GLY B 494 -27.59 -14.25 -4.66
CA GLY B 494 -28.76 -14.51 -3.86
C GLY B 494 -30.07 -14.09 -4.48
N ALA B 495 -30.08 -13.82 -5.79
CA ALA B 495 -31.30 -13.49 -6.51
C ALA B 495 -31.34 -14.26 -7.81
N GLU B 496 -32.45 -14.97 -8.06
CA GLU B 496 -32.60 -15.69 -9.30
C GLU B 496 -32.59 -14.75 -10.50
N SER B 497 -32.97 -13.48 -10.30
CA SER B 497 -32.97 -12.57 -11.45
C SER B 497 -31.57 -12.35 -11.99
N VAL B 498 -30.56 -12.39 -11.11
CA VAL B 498 -29.18 -12.35 -11.57
C VAL B 498 -28.79 -13.66 -12.26
N ILE B 499 -29.25 -14.79 -11.75
CA ILE B 499 -29.02 -16.05 -12.45
C ILE B 499 -29.56 -15.95 -13.86
N GLU B 500 -30.81 -15.51 -13.99
CA GLU B 500 -31.43 -15.21 -15.27
C GLU B 500 -30.47 -14.38 -16.13
N PHE B 501 -30.01 -13.26 -15.57
CA PHE B 501 -29.22 -12.30 -16.34
C PHE B 501 -27.90 -12.89 -16.79
N ILE B 502 -27.18 -13.52 -15.88
CA ILE B 502 -25.89 -14.10 -16.22
C ILE B 502 -26.08 -15.15 -17.29
N LYS B 503 -27.08 -16.01 -17.11
CA LYS B 503 -27.32 -17.09 -18.06
C LYS B 503 -27.61 -16.55 -19.45
N ASP B 504 -28.39 -15.47 -19.53
CA ASP B 504 -28.68 -14.92 -20.86
C ASP B 504 -27.47 -14.17 -21.41
N LYS B 505 -27.09 -13.06 -20.77
CA LYS B 505 -26.08 -12.17 -21.32
C LYS B 505 -24.71 -12.83 -21.48
N PHE B 506 -24.41 -13.87 -20.72
CA PHE B 506 -23.10 -14.51 -20.83
C PHE B 506 -23.19 -15.97 -21.21
N GLU B 507 -24.38 -16.54 -21.36
CA GLU B 507 -24.50 -17.92 -21.78
C GLU B 507 -23.66 -18.81 -20.86
N LEU B 508 -23.73 -18.51 -19.56
CA LEU B 508 -23.05 -19.27 -18.51
C LEU B 508 -24.06 -19.48 -17.41
N THR B 509 -24.09 -20.67 -16.84
CA THR B 509 -25.06 -20.95 -15.78
C THR B 509 -24.33 -21.00 -14.44
N VAL B 510 -24.83 -20.23 -13.47
CA VAL B 510 -24.13 -19.97 -12.22
C VAL B 510 -25.05 -20.31 -11.06
N PRO B 511 -24.56 -21.03 -10.04
CA PRO B 511 -25.44 -21.45 -8.95
C PRO B 511 -26.01 -20.27 -8.19
N LEU B 512 -27.25 -20.42 -7.73
CA LEU B 512 -27.89 -19.49 -6.81
C LEU B 512 -27.64 -19.93 -5.37
N LYS B 513 -27.02 -19.06 -4.57
CA LYS B 513 -26.65 -19.41 -3.19
C LYS B 513 -26.65 -18.17 -2.29
N ARG B 514 -27.76 -17.94 -1.55
CA ARG B 514 -27.87 -16.78 -0.63
C ARG B 514 -27.19 -17.07 0.72
N LYS B 515 -25.85 -17.11 0.69
CA LYS B 515 -25.10 -17.40 1.89
C LYS B 515 -24.12 -16.26 2.14
N GLU B 516 -23.68 -16.12 3.38
CA GLU B 516 -22.50 -15.31 3.64
C GLU B 516 -21.24 -15.99 3.10
N ILE B 517 -20.37 -15.19 2.51
CA ILE B 517 -18.99 -15.58 2.36
C ILE B 517 -18.19 -14.53 3.09
N TYR B 518 -16.94 -14.86 3.37
CA TYR B 518 -16.02 -13.92 4.01
C TYR B 518 -14.71 -13.98 3.24
N PHE B 519 -14.13 -12.81 3.01
CA PHE B 519 -12.86 -12.68 2.30
C PHE B 519 -11.71 -13.01 3.23
N GLU B 520 -11.06 -14.16 3.02
CA GLU B 520 -9.74 -14.38 3.60
C GLU B 520 -8.72 -13.58 2.81
N LYS B 521 -7.65 -13.17 3.48
CA LYS B 521 -6.60 -12.47 2.77
C LYS B 521 -6.21 -13.24 1.51
N GLY B 522 -6.14 -12.54 0.39
CA GLY B 522 -5.75 -13.14 -0.87
C GLY B 522 -6.87 -13.74 -1.69
N GLU B 523 -8.12 -13.71 -1.20
CA GLU B 523 -9.27 -14.16 -1.96
C GLU B 523 -9.83 -13.04 -2.84
N SER B 524 -10.56 -13.46 -3.87
CA SER B 524 -11.11 -12.55 -4.87
C SER B 524 -12.60 -12.79 -5.09
N ALA B 525 -13.23 -11.75 -5.59
CA ALA B 525 -14.63 -11.81 -5.91
C ALA B 525 -14.83 -11.16 -7.27
N LEU B 526 -15.64 -11.80 -8.10
CA LEU B 526 -16.34 -11.12 -9.16
C LEU B 526 -17.66 -10.60 -8.58
N VAL B 527 -18.06 -9.40 -8.99
CA VAL B 527 -19.24 -8.73 -8.46
C VAL B 527 -20.01 -8.12 -9.62
N ILE B 528 -21.34 -8.22 -9.55
CA ILE B 528 -22.24 -7.61 -10.52
C ILE B 528 -23.34 -6.85 -9.78
N LYS B 529 -23.41 -5.52 -9.98
CA LYS B 529 -24.28 -4.69 -9.16
C LYS B 529 -25.02 -3.66 -10.02
N LEU B 530 -26.15 -3.17 -9.49
CA LEU B 530 -26.91 -2.12 -10.13
C LEU B 530 -26.22 -0.80 -9.90
N GLU B 531 -26.02 -0.04 -10.95
CA GLU B 531 -25.45 1.28 -10.79
C GLU B 531 -26.54 2.29 -10.52
N LYS B 532 -27.40 1.91 -9.57
CA LYS B 532 -28.56 2.67 -9.15
C LYS B 532 -29.01 2.12 -7.80
N ARG B 533 -29.51 3.00 -6.97
CA ARG B 533 -30.05 2.53 -5.71
C ARG B 533 -31.56 2.75 -5.71
N PRO B 534 -32.37 1.76 -6.07
CA PRO B 534 -33.81 1.96 -6.09
C PRO B 534 -34.49 1.96 -4.72
N GLU B 535 -35.82 2.03 -4.75
CA GLU B 535 -36.63 1.82 -3.57
C GLU B 535 -36.25 0.49 -2.93
N GLU B 536 -36.57 0.31 -1.66
CA GLU B 536 -36.27 -0.97 -1.05
C GLU B 536 -37.21 -2.04 -1.56
N GLY B 537 -36.77 -3.28 -1.45
CA GLY B 537 -37.62 -4.39 -1.84
C GLY B 537 -37.77 -4.54 -3.34
N LYS B 538 -37.47 -3.49 -4.11
CA LYS B 538 -37.58 -3.56 -5.56
C LYS B 538 -36.60 -4.56 -6.13
N ILE B 539 -37.11 -5.51 -6.89
CA ILE B 539 -36.28 -6.36 -7.73
C ILE B 539 -36.78 -6.18 -9.15
N TYR B 540 -35.84 -5.95 -10.09
CA TYR B 540 -36.14 -5.74 -11.49
C TYR B 540 -36.37 -7.05 -12.23
N THR B 541 -37.35 -7.04 -13.13
CA THR B 541 -37.52 -8.17 -14.02
C THR B 541 -36.34 -8.21 -14.98
N LYS B 542 -36.00 -9.43 -15.44
CA LYS B 542 -34.95 -9.52 -16.44
C LYS B 542 -35.28 -8.65 -17.64
N GLU B 543 -36.57 -8.53 -17.96
CA GLU B 543 -36.99 -7.67 -19.06
C GLU B 543 -36.58 -6.22 -18.84
N GLU B 544 -36.74 -5.71 -17.61
CA GLU B 544 -36.25 -4.36 -17.33
C GLU B 544 -34.72 -4.30 -17.28
N MET B 545 -34.10 -5.34 -16.70
CA MET B 545 -32.65 -5.37 -16.60
C MET B 545 -31.99 -5.30 -17.96
N ASP B 546 -32.66 -5.79 -19.02
CA ASP B 546 -32.14 -5.61 -20.36
C ASP B 546 -31.94 -4.14 -20.67
N PHE B 547 -32.94 -3.32 -20.35
CA PHE B 547 -32.80 -1.88 -20.55
C PHE B 547 -31.72 -1.32 -19.64
N MET B 548 -31.64 -1.82 -18.41
CA MET B 548 -30.58 -1.39 -17.50
C MET B 548 -29.22 -1.65 -18.13
N GLU B 549 -29.01 -2.86 -18.64
CA GLU B 549 -27.76 -3.21 -19.29
C GLU B 549 -27.52 -2.33 -20.48
N GLU B 550 -28.60 -1.88 -21.12
CA GLU B 550 -28.48 -1.05 -22.31
C GLU B 550 -27.65 0.20 -22.04
N ASN B 551 -27.99 0.95 -21.00
CA ASN B 551 -27.32 2.23 -20.72
C ASN B 551 -26.25 2.09 -19.64
N ASN B 552 -25.50 1.01 -19.59
CA ASN B 552 -24.41 0.93 -18.62
C ASN B 552 -24.97 1.16 -17.22
N LEU B 553 -26.08 0.53 -16.91
CA LEU B 553 -26.61 0.59 -15.58
C LEU B 553 -26.42 -0.71 -14.85
N ILE B 554 -25.62 -1.62 -15.41
CA ILE B 554 -25.20 -2.82 -14.72
C ILE B 554 -23.68 -2.83 -14.69
N GLY B 555 -23.11 -2.99 -13.50
CA GLY B 555 -21.68 -2.82 -13.27
C GLY B 555 -20.98 -4.12 -12.92
N TYR B 556 -19.79 -4.30 -13.48
CA TYR B 556 -18.99 -5.47 -13.18
C TYR B 556 -17.73 -5.05 -12.46
N TYR B 557 -17.39 -5.78 -11.41
CA TYR B 557 -16.25 -5.41 -10.61
C TYR B 557 -15.46 -6.65 -10.24
N TYR B 558 -14.18 -6.41 -9.98
CA TYR B 558 -13.26 -7.36 -9.40
C TYR B 558 -12.86 -6.83 -8.03
N ILE B 559 -12.90 -7.70 -7.02
CA ILE B 559 -12.51 -7.33 -5.67
C ILE B 559 -11.44 -8.29 -5.21
N TYR B 560 -10.33 -7.75 -4.68
CA TYR B 560 -9.23 -8.53 -4.15
C TYR B 560 -8.97 -8.07 -2.72
N ARG B 561 -8.81 -8.99 -1.79
CA ARG B 561 -8.44 -8.61 -0.43
C ARG B 561 -6.93 -8.73 -0.30
N GLU B 562 -6.25 -7.60 -0.12
CA GLU B 562 -4.81 -7.65 0.12
C GLU B 562 -4.40 -7.72 1.60
N GLY B 563 -5.31 -7.59 2.56
CA GLY B 563 -4.91 -7.56 3.95
C GLY B 563 -6.04 -7.68 4.91
C ACT F . 12.69 -0.56 15.43
O ACT F . 11.89 -1.26 16.24
OXT ACT F . 13.98 -0.60 15.26
CH3 ACT F . 11.93 0.49 14.46
C ACT G . 12.95 4.38 -13.60
O ACT G . 12.01 3.54 -13.13
OXT ACT G . 13.38 4.74 -14.93
CH3 ACT G . 13.75 5.08 -12.42
#